data_6RZQ
#
_entry.id   6RZQ
#
_cell.length_a   80.290
_cell.length_b   102.710
_cell.length_c   103.770
_cell.angle_alpha   90.00
_cell.angle_beta   90.00
_cell.angle_gamma   90.00
#
_symmetry.space_group_name_H-M   'P 21 21 21'
#
loop_
_entity.id
_entity.type
_entity.pdbx_description
1 polymer 'Heat shock protein 70'
2 non-polymer 'MAGNESIUM ION'
3 non-polymer 'PHOSPHOAMINOPHOSPHONIC ACID-ADENYLATE ESTER'
4 non-polymer GLYCEROL
5 water water
#
_entity_poly.entity_id   1
_entity_poly.type   'polypeptide(L)'
_entity_poly.pdbx_seq_one_letter_code
;GPAEESEVAIGIDLGTTYSCVGICRNGVVDIIANDQGNRTTPSYVAFTDTERLIGDAAKNQASRNPENTVFDAKRLIGRK
FSETTVQSDMKHWPFTVKGGSDGKPMIEVSYQGEKKTFHPEEISSMVLKKMKEVAETYLGKPVKNAVITVPAYFNDSQRQ
ATKDAGAIAGLNVLRIINEPTAAAIAYGLDKKGKGEQNILIFDLGGGTFDVSLLTLEDGIFEVKATSGDTHLGGEDFDNK
LVNFCVQDFKKKNGGKDVSKNSKSLRRLRTQCEKAKRVLSSSAQATIEVDSLFDGIDYNVNITRAKFEELCMDQFRNTLI
PVEKVLKDAKMDKSQVHEIVLVGGSTRIPKIQQLIKDFFNGKEP(CSX)KAINPDEAVAYGAAVQAAILSGDQSSAV
;
_entity_poly.pdbx_strand_id   A,B
#
loop_
_chem_comp.id
_chem_comp.type
_chem_comp.name
_chem_comp.formula
ANP non-polymer 'PHOSPHOAMINOPHOSPHONIC ACID-ADENYLATE ESTER' 'C10 H17 N6 O12 P3'
GOL non-polymer GLYCEROL 'C3 H8 O3'
MG non-polymer 'MAGNESIUM ION' 'Mg 2'
#
# COMPACT_ATOMS: atom_id res chain seq x y z
N GLU A 7 16.89 -27.85 8.72
CA GLU A 7 17.65 -26.85 9.52
C GLU A 7 18.34 -25.85 8.60
N VAL A 8 18.75 -26.29 7.40
CA VAL A 8 19.45 -25.44 6.40
C VAL A 8 18.42 -24.44 5.84
N ALA A 9 18.72 -23.14 5.95
CA ALA A 9 17.88 -22.05 5.39
C ALA A 9 18.70 -21.16 4.43
N ILE A 10 18.11 -20.84 3.29
CA ILE A 10 18.70 -20.02 2.19
C ILE A 10 17.89 -18.73 2.02
N GLY A 11 18.57 -17.69 1.54
CA GLY A 11 17.94 -16.42 1.14
C GLY A 11 17.82 -16.40 -0.37
N ILE A 12 16.66 -15.97 -0.90
CA ILE A 12 16.47 -15.90 -2.38
C ILE A 12 15.95 -14.52 -2.75
N ASP A 13 16.70 -13.81 -3.59
CA ASP A 13 16.23 -12.64 -4.37
C ASP A 13 15.51 -13.19 -5.61
N LEU A 14 14.19 -13.12 -5.63
CA LEU A 14 13.39 -13.45 -6.83
C LEU A 14 13.22 -12.16 -7.65
N GLY A 15 14.17 -11.93 -8.55
CA GLY A 15 14.27 -10.67 -9.33
C GLY A 15 13.30 -10.69 -10.52
N THR A 16 12.95 -9.51 -11.01
CA THR A 16 12.19 -9.41 -12.29
C THR A 16 13.00 -10.07 -13.41
N THR A 17 14.30 -9.79 -13.48
CA THR A 17 15.17 -10.19 -14.59
C THR A 17 16.16 -11.25 -14.11
N TYR A 18 16.73 -11.11 -12.92
CA TYR A 18 17.74 -12.07 -12.41
C TYR A 18 17.50 -12.40 -10.95
N SER A 19 17.65 -13.68 -10.61
CA SER A 19 17.43 -14.20 -9.25
C SER A 19 18.80 -14.63 -8.67
N CYS A 20 18.89 -14.76 -7.36
CA CYS A 20 20.20 -14.95 -6.68
C CYS A 20 19.91 -15.70 -5.38
N VAL A 21 20.79 -16.65 -5.01
CA VAL A 21 20.61 -17.42 -3.77
C VAL A 21 21.88 -17.32 -2.91
N GLY A 22 21.67 -17.17 -1.62
CA GLY A 22 22.80 -17.13 -0.67
C GLY A 22 22.55 -17.98 0.55
N ILE A 23 23.62 -18.31 1.25
CA ILE A 23 23.54 -19.03 2.55
C ILE A 23 24.48 -18.34 3.53
N CYS A 24 24.01 -18.14 4.75
CA CYS A 24 24.76 -17.53 5.85
C CYS A 24 25.01 -18.63 6.89
N ARG A 25 26.29 -18.91 7.15
CA ARG A 25 26.75 -20.00 8.04
C ARG A 25 27.93 -19.43 8.82
N ASN A 26 27.96 -19.56 10.15
CA ASN A 26 29.11 -19.10 10.97
C ASN A 26 29.25 -17.58 10.77
N GLY A 27 28.14 -16.88 10.50
CA GLY A 27 28.10 -15.42 10.26
C GLY A 27 28.79 -15.00 8.97
N VAL A 28 29.04 -15.94 8.06
CA VAL A 28 29.68 -15.64 6.74
C VAL A 28 28.66 -15.99 5.65
N VAL A 29 28.59 -15.15 4.62
CA VAL A 29 27.54 -15.31 3.57
C VAL A 29 28.20 -15.74 2.28
N ASP A 30 27.85 -16.92 1.79
CA ASP A 30 28.23 -17.37 0.44
C ASP A 30 27.04 -17.14 -0.53
N ILE A 31 27.31 -16.41 -1.60
CA ILE A 31 26.40 -16.33 -2.78
C ILE A 31 26.77 -17.48 -3.70
N ILE A 32 25.81 -18.29 -4.08
CA ILE A 32 26.05 -19.59 -4.76
C ILE A 32 25.97 -19.45 -6.27
N ALA A 33 27.03 -19.86 -6.98
CA ALA A 33 27.09 -19.89 -8.46
C ALA A 33 26.24 -21.03 -8.99
N ASN A 34 25.64 -20.84 -10.17
CA ASN A 34 24.79 -21.89 -10.81
C ASN A 34 25.70 -22.82 -11.62
N ASP A 35 25.11 -23.76 -12.39
CA ASP A 35 25.82 -24.75 -13.25
C ASP A 35 26.75 -24.10 -14.27
N GLN A 36 26.46 -22.87 -14.71
CA GLN A 36 27.29 -22.15 -15.71
C GLN A 36 28.32 -21.26 -15.02
N GLY A 37 28.45 -21.31 -13.70
CA GLY A 37 29.36 -20.44 -12.92
C GLY A 37 28.82 -19.03 -12.68
N ASN A 38 27.53 -18.78 -12.94
CA ASN A 38 26.96 -17.40 -12.79
C ASN A 38 26.39 -17.26 -11.39
N ARG A 39 26.72 -16.17 -10.70
CA ARG A 39 26.29 -15.87 -9.31
C ARG A 39 24.84 -15.32 -9.28
N THR A 40 24.30 -14.96 -10.45
CA THR A 40 22.84 -14.69 -10.64
C THR A 40 22.33 -15.51 -11.83
N THR A 41 21.01 -15.80 -11.83
CA THR A 41 20.34 -16.67 -12.79
C THR A 41 19.17 -15.92 -13.40
N PRO A 42 19.05 -15.85 -14.73
CA PRO A 42 17.88 -15.21 -15.34
C PRO A 42 16.56 -15.80 -14.84
N SER A 43 15.57 -14.94 -14.60
CA SER A 43 14.20 -15.34 -14.15
C SER A 43 13.38 -15.74 -15.40
N TYR A 44 13.88 -16.70 -16.15
CA TYR A 44 13.35 -17.13 -17.47
C TYR A 44 12.99 -18.61 -17.37
N VAL A 45 11.89 -18.98 -18.01
CA VAL A 45 11.43 -20.39 -18.16
C VAL A 45 11.03 -20.60 -19.62
N ALA A 46 11.61 -21.59 -20.29
CA ALA A 46 11.26 -21.91 -21.69
C ALA A 46 10.70 -23.34 -21.78
N PHE A 47 9.79 -23.53 -22.74
CA PHE A 47 9.19 -24.85 -23.07
C PHE A 47 9.50 -25.14 -24.54
N THR A 48 10.09 -26.32 -24.81
CA THR A 48 10.46 -26.77 -26.18
C THR A 48 9.67 -28.05 -26.50
N ASP A 49 9.97 -28.65 -27.65
CA ASP A 49 9.37 -29.93 -28.10
C ASP A 49 9.74 -31.05 -27.10
N THR A 50 10.88 -30.93 -26.43
CA THR A 50 11.42 -32.02 -25.58
C THR A 50 11.56 -31.63 -24.11
N GLU A 51 11.82 -30.36 -23.75
CA GLU A 51 12.23 -30.06 -22.35
C GLU A 51 11.70 -28.71 -21.83
N ARG A 52 11.74 -28.57 -20.51
CA ARG A 52 11.52 -27.33 -19.73
C ARG A 52 12.88 -26.79 -19.29
N LEU A 53 13.27 -25.63 -19.82
CA LEU A 53 14.56 -24.96 -19.52
C LEU A 53 14.30 -23.85 -18.49
N ILE A 54 15.21 -23.67 -17.53
CA ILE A 54 15.12 -22.62 -16.49
C ILE A 54 16.47 -21.95 -16.38
N GLY A 55 16.46 -20.61 -16.35
CA GLY A 55 17.66 -19.79 -16.09
C GLY A 55 18.43 -19.52 -17.36
N ASP A 56 19.74 -19.67 -17.31
CA ASP A 56 20.65 -19.34 -18.44
C ASP A 56 20.19 -20.05 -19.73
N ALA A 57 19.84 -21.33 -19.63
CA ALA A 57 19.52 -22.16 -20.81
C ALA A 57 18.24 -21.61 -21.46
N ALA A 58 17.28 -21.16 -20.65
CA ALA A 58 16.02 -20.55 -21.15
C ALA A 58 16.34 -19.20 -21.83
N LYS A 59 17.07 -18.33 -21.15
CA LYS A 59 17.38 -17.00 -21.74
C LYS A 59 18.15 -17.19 -23.06
N ASN A 60 19.08 -18.16 -23.11
CA ASN A 60 20.05 -18.28 -24.23
C ASN A 60 19.32 -18.68 -25.53
N GLN A 61 18.18 -19.38 -25.47
CA GLN A 61 17.40 -19.81 -26.68
C GLN A 61 16.15 -18.92 -26.89
N ALA A 62 16.03 -17.78 -26.20
CA ALA A 62 14.84 -16.89 -26.27
C ALA A 62 14.58 -16.45 -27.73
N SER A 63 15.62 -16.04 -28.46
CA SER A 63 15.48 -15.49 -29.83
C SER A 63 15.07 -16.57 -30.84
N ARG A 64 15.37 -17.85 -30.58
CA ARG A 64 14.98 -19.01 -31.43
C ARG A 64 13.60 -19.54 -31.05
N ASN A 65 13.03 -19.15 -29.91
CA ASN A 65 11.76 -19.74 -29.37
C ASN A 65 10.98 -18.67 -28.61
N PRO A 66 10.73 -17.49 -29.21
CA PRO A 66 10.16 -16.34 -28.49
C PRO A 66 8.79 -16.58 -27.86
N GLU A 67 7.95 -17.40 -28.51
CA GLU A 67 6.53 -17.58 -28.10
C GLU A 67 6.46 -18.41 -26.83
N ASN A 68 7.44 -19.30 -26.61
CA ASN A 68 7.40 -20.30 -25.52
C ASN A 68 8.47 -20.03 -24.46
N THR A 69 9.09 -18.85 -24.50
CA THR A 69 10.08 -18.39 -23.51
C THR A 69 9.42 -17.32 -22.61
N VAL A 70 9.15 -17.66 -21.37
CA VAL A 70 8.44 -16.80 -20.38
C VAL A 70 9.46 -16.08 -19.50
N PHE A 71 9.28 -14.77 -19.30
CA PHE A 71 10.03 -13.88 -18.38
C PHE A 71 9.04 -12.86 -17.81
N ASP A 72 9.49 -11.97 -16.92
CA ASP A 72 8.67 -10.88 -16.35
C ASP A 72 7.45 -11.43 -15.60
N ALA A 73 7.44 -12.68 -15.13
CA ALA A 73 6.31 -13.21 -14.35
C ALA A 73 6.11 -12.37 -13.09
N LYS A 74 7.18 -11.74 -12.58
CA LYS A 74 7.10 -10.89 -11.38
C LYS A 74 6.13 -9.71 -11.63
N ARG A 75 5.98 -9.28 -12.88
CA ARG A 75 5.08 -8.15 -13.26
C ARG A 75 3.62 -8.59 -13.25
N LEU A 76 3.36 -9.91 -13.25
CA LEU A 76 1.99 -10.49 -13.21
C LEU A 76 1.65 -11.12 -11.87
N ILE A 77 2.63 -11.50 -11.04
CA ILE A 77 2.34 -12.32 -9.83
C ILE A 77 1.48 -11.53 -8.84
N GLY A 78 0.39 -12.17 -8.40
CA GLY A 78 -0.63 -11.60 -7.51
C GLY A 78 -1.47 -10.48 -8.14
N ARG A 79 -1.44 -10.28 -9.45
CA ARG A 79 -2.27 -9.26 -10.13
C ARG A 79 -3.48 -9.94 -10.82
N LYS A 80 -4.59 -9.23 -10.92
CA LYS A 80 -5.72 -9.55 -11.84
C LYS A 80 -5.30 -9.19 -13.27
N PHE A 81 -5.67 -10.00 -14.23
CA PHE A 81 -5.36 -9.78 -15.67
C PHE A 81 -5.90 -8.43 -16.16
N SER A 82 -6.99 -7.96 -15.57
CA SER A 82 -7.68 -6.69 -15.99
C SER A 82 -6.94 -5.44 -15.49
N GLU A 83 -5.98 -5.58 -14.55
CA GLU A 83 -5.25 -4.41 -14.00
C GLU A 83 -4.61 -3.63 -15.13
N THR A 84 -4.54 -2.31 -15.01
CA THR A 84 -4.03 -1.45 -16.09
C THR A 84 -2.52 -1.70 -16.24
N THR A 85 -1.80 -2.13 -15.19
CA THR A 85 -0.34 -2.41 -15.36
CA THR A 85 -0.34 -2.47 -15.29
C THR A 85 -0.18 -3.59 -16.33
N VAL A 86 -1.03 -4.60 -16.26
CA VAL A 86 -0.93 -5.80 -17.14
C VAL A 86 -1.22 -5.39 -18.60
N GLN A 87 -2.26 -4.56 -18.82
CA GLN A 87 -2.65 -4.08 -20.17
C GLN A 87 -1.46 -3.35 -20.81
N SER A 88 -0.81 -2.53 -20.01
CA SER A 88 0.37 -1.72 -20.40
C SER A 88 1.59 -2.62 -20.69
N ASP A 89 1.91 -3.53 -19.76
CA ASP A 89 3.15 -4.34 -19.81
C ASP A 89 3.10 -5.35 -20.96
N MET A 90 1.93 -5.87 -21.34
CA MET A 90 1.82 -7.07 -22.21
CA MET A 90 1.83 -7.08 -22.20
C MET A 90 2.29 -6.77 -23.63
N LYS A 91 2.38 -5.48 -24.01
CA LYS A 91 2.93 -5.11 -25.35
C LYS A 91 4.39 -5.56 -25.46
N HIS A 92 5.07 -5.74 -24.33
CA HIS A 92 6.52 -6.09 -24.25
C HIS A 92 6.73 -7.61 -24.38
N TRP A 93 5.69 -8.43 -24.29
CA TRP A 93 5.80 -9.90 -24.18
C TRP A 93 5.46 -10.58 -25.51
N PRO A 94 6.37 -11.42 -26.04
CA PRO A 94 6.07 -12.24 -27.22
C PRO A 94 5.22 -13.47 -26.87
N PHE A 95 5.15 -13.84 -25.59
CA PHE A 95 4.36 -15.00 -25.12
C PHE A 95 2.93 -14.52 -24.88
N THR A 96 1.98 -15.47 -24.94
CA THR A 96 0.53 -15.18 -24.81
C THR A 96 0.12 -15.21 -23.34
N VAL A 97 -0.60 -14.18 -22.93
CA VAL A 97 -1.25 -14.10 -21.58
C VAL A 97 -2.74 -13.76 -21.79
N LYS A 98 -3.62 -14.53 -21.15
CA LYS A 98 -5.09 -14.41 -21.18
C LYS A 98 -5.59 -14.38 -19.74
N GLY A 99 -6.79 -13.84 -19.53
CA GLY A 99 -7.48 -13.85 -18.24
C GLY A 99 -8.29 -15.13 -18.05
N GLY A 100 -8.16 -15.77 -16.89
CA GLY A 100 -9.01 -16.92 -16.50
C GLY A 100 -10.35 -16.42 -15.98
N SER A 101 -11.27 -17.33 -15.70
CA SER A 101 -12.64 -17.01 -15.24
C SER A 101 -12.57 -16.44 -13.81
N ASP A 102 -11.52 -16.79 -13.04
CA ASP A 102 -11.23 -16.21 -11.70
C ASP A 102 -10.52 -14.84 -11.84
N GLY A 103 -10.25 -14.36 -13.05
CA GLY A 103 -9.56 -13.07 -13.29
C GLY A 103 -8.04 -13.16 -13.17
N LYS A 104 -7.47 -14.34 -12.97
CA LYS A 104 -6.01 -14.51 -12.81
C LYS A 104 -5.37 -14.64 -14.19
N PRO A 105 -4.17 -14.05 -14.41
CA PRO A 105 -3.46 -14.27 -15.65
C PRO A 105 -3.13 -15.75 -15.85
N MET A 106 -3.23 -16.20 -17.09
CA MET A 106 -2.88 -17.57 -17.57
C MET A 106 -1.86 -17.37 -18.68
N ILE A 107 -0.63 -17.84 -18.48
CA ILE A 107 0.47 -17.72 -19.47
C ILE A 107 0.40 -18.99 -20.32
N GLU A 108 0.23 -18.83 -21.64
CA GLU A 108 -0.03 -19.94 -22.59
C GLU A 108 1.21 -20.22 -23.43
N VAL A 109 1.67 -21.45 -23.41
CA VAL A 109 2.86 -21.89 -24.19
C VAL A 109 2.54 -23.23 -24.84
N SER A 110 3.38 -23.63 -25.79
CA SER A 110 3.41 -25.00 -26.34
C SER A 110 4.61 -25.74 -25.73
N TYR A 111 4.35 -26.92 -25.17
CA TYR A 111 5.33 -27.79 -24.47
C TYR A 111 5.12 -29.22 -24.97
N GLN A 112 6.12 -29.80 -25.65
CA GLN A 112 6.03 -31.19 -26.18
C GLN A 112 4.76 -31.32 -27.06
N GLY A 113 4.58 -30.37 -27.97
CA GLY A 113 3.48 -30.37 -28.96
C GLY A 113 2.10 -30.15 -28.36
N GLU A 114 1.98 -29.71 -27.09
CA GLU A 114 0.68 -29.51 -26.42
C GLU A 114 0.58 -28.07 -25.88
N LYS A 115 -0.60 -27.46 -25.98
CA LYS A 115 -0.92 -26.15 -25.35
C LYS A 115 -1.00 -26.31 -23.83
N LYS A 116 -0.21 -25.56 -23.07
CA LYS A 116 -0.21 -25.58 -21.58
C LYS A 116 -0.41 -24.16 -21.07
N THR A 117 -1.11 -23.98 -19.95
CA THR A 117 -1.30 -22.66 -19.28
C THR A 117 -0.75 -22.71 -17.85
N PHE A 118 -0.18 -21.60 -17.41
CA PHE A 118 0.42 -21.48 -16.06
C PHE A 118 0.01 -20.15 -15.43
N HIS A 119 -0.34 -20.18 -14.15
CA HIS A 119 -0.44 -18.96 -13.31
C HIS A 119 0.96 -18.37 -13.10
N PRO A 120 1.08 -17.03 -12.89
CA PRO A 120 2.37 -16.40 -12.67
C PRO A 120 3.18 -17.07 -11.54
N GLU A 121 2.53 -17.44 -10.45
CA GLU A 121 3.18 -18.08 -9.28
C GLU A 121 3.70 -19.48 -9.67
N GLU A 122 3.18 -20.12 -10.70
CA GLU A 122 3.69 -21.43 -11.19
C GLU A 122 5.01 -21.19 -11.94
N ILE A 123 5.07 -20.17 -12.78
CA ILE A 123 6.34 -19.80 -13.47
C ILE A 123 7.37 -19.39 -12.40
N SER A 124 6.97 -18.58 -11.42
CA SER A 124 7.91 -18.09 -10.37
C SER A 124 8.36 -19.27 -9.49
N SER A 125 7.47 -20.24 -9.25
CA SER A 125 7.82 -21.49 -8.52
C SER A 125 8.94 -22.23 -9.27
N MET A 126 8.96 -22.25 -10.59
CA MET A 126 10.00 -22.96 -11.36
C MET A 126 11.33 -22.23 -11.23
N VAL A 127 11.35 -20.88 -11.17
CA VAL A 127 12.61 -20.12 -10.95
C VAL A 127 13.07 -20.42 -9.51
N LEU A 128 12.17 -20.37 -8.53
CA LEU A 128 12.53 -20.61 -7.11
C LEU A 128 13.10 -22.04 -6.97
N LYS A 129 12.50 -23.01 -7.65
CA LYS A 129 12.91 -24.44 -7.60
C LYS A 129 14.34 -24.56 -8.16
N LYS A 130 14.63 -23.83 -9.23
CA LYS A 130 15.99 -23.75 -9.81
C LYS A 130 16.97 -23.17 -8.79
N MET A 131 16.59 -22.11 -8.07
CA MET A 131 17.50 -21.46 -7.09
C MET A 131 17.72 -22.42 -5.90
N LYS A 132 16.68 -23.13 -5.47
CA LYS A 132 16.74 -24.22 -4.47
C LYS A 132 17.75 -25.31 -4.91
N GLU A 133 17.67 -25.75 -6.16
CA GLU A 133 18.56 -26.80 -6.71
C GLU A 133 19.99 -26.29 -6.79
N VAL A 134 20.17 -25.02 -7.16
CA VAL A 134 21.52 -24.41 -7.19
C VAL A 134 22.15 -24.56 -5.79
N ALA A 135 21.43 -24.19 -4.74
CA ALA A 135 21.90 -24.26 -3.34
C ALA A 135 22.19 -25.71 -2.97
N GLU A 136 21.32 -26.63 -3.38
CA GLU A 136 21.38 -28.07 -3.00
C GLU A 136 22.62 -28.73 -3.63
N THR A 137 22.91 -28.46 -4.90
CA THR A 137 24.14 -28.89 -5.61
C THR A 137 25.38 -28.41 -4.88
N TYR A 138 25.39 -27.16 -4.44
CA TYR A 138 26.55 -26.58 -3.73
C TYR A 138 26.69 -27.24 -2.35
N LEU A 139 25.60 -27.42 -1.63
CA LEU A 139 25.64 -27.92 -0.23
C LEU A 139 25.75 -29.46 -0.20
N GLY A 140 25.35 -30.14 -1.28
CA GLY A 140 25.24 -31.61 -1.38
C GLY A 140 24.24 -32.18 -0.41
N LYS A 141 23.25 -31.38 0.02
CA LYS A 141 22.18 -31.77 0.97
C LYS A 141 20.90 -31.09 0.54
N PRO A 142 19.71 -31.66 0.83
CA PRO A 142 18.44 -30.98 0.54
C PRO A 142 18.29 -29.67 1.33
N VAL A 143 17.57 -28.71 0.74
CA VAL A 143 17.25 -27.40 1.36
C VAL A 143 15.72 -27.29 1.45
N LYS A 144 15.17 -26.95 2.62
CA LYS A 144 13.69 -26.87 2.81
C LYS A 144 13.28 -25.43 3.15
N ASN A 145 14.10 -24.67 3.86
CA ASN A 145 13.70 -23.38 4.47
C ASN A 145 14.28 -22.24 3.64
N ALA A 146 13.54 -21.15 3.47
CA ALA A 146 14.02 -19.98 2.73
C ALA A 146 13.35 -18.71 3.24
N VAL A 147 14.08 -17.61 3.14
CA VAL A 147 13.52 -16.24 3.15
C VAL A 147 13.52 -15.77 1.70
N ILE A 148 12.37 -15.25 1.25
CA ILE A 148 12.21 -14.71 -0.12
C ILE A 148 11.88 -13.23 0.03
N THR A 149 12.52 -12.43 -0.83
CA THR A 149 12.40 -10.97 -0.82
C THR A 149 11.34 -10.54 -1.87
N VAL A 150 10.74 -9.39 -1.61
CA VAL A 150 9.79 -8.71 -2.54
C VAL A 150 10.07 -7.21 -2.49
N PRO A 151 9.64 -6.47 -3.52
CA PRO A 151 9.74 -5.01 -3.49
C PRO A 151 8.86 -4.48 -2.35
N ALA A 152 9.29 -3.39 -1.72
CA ALA A 152 8.55 -2.71 -0.63
C ALA A 152 7.12 -2.34 -1.06
N TYR A 153 6.88 -2.05 -2.33
CA TYR A 153 5.55 -1.57 -2.84
C TYR A 153 4.63 -2.77 -3.09
N PHE A 154 5.11 -4.01 -2.98
CA PHE A 154 4.26 -5.20 -3.22
C PHE A 154 3.11 -5.17 -2.23
N ASN A 155 1.91 -5.46 -2.73
CA ASN A 155 0.66 -5.46 -1.91
C ASN A 155 0.49 -6.87 -1.35
N ASP A 156 -0.55 -7.07 -0.55
CA ASP A 156 -0.79 -8.35 0.14
C ASP A 156 -1.00 -9.46 -0.91
N SER A 157 -1.67 -9.19 -2.02
CA SER A 157 -1.90 -10.22 -3.06
C SER A 157 -0.56 -10.65 -3.68
N GLN A 158 0.33 -9.71 -3.98
CA GLN A 158 1.64 -9.96 -4.64
C GLN A 158 2.52 -10.72 -3.64
N ARG A 159 2.47 -10.36 -2.36
CA ARG A 159 3.29 -11.05 -1.33
C ARG A 159 2.79 -12.48 -1.15
N GLN A 160 1.49 -12.65 -1.03
CA GLN A 160 0.92 -13.99 -0.76
C GLN A 160 1.16 -14.88 -1.98
N ALA A 161 1.01 -14.36 -3.21
CA ALA A 161 1.31 -15.15 -4.43
C ALA A 161 2.81 -15.56 -4.49
N THR A 162 3.71 -14.66 -4.09
CA THR A 162 5.18 -14.97 -4.00
C THR A 162 5.39 -16.10 -2.97
N LYS A 163 4.74 -16.04 -1.81
CA LYS A 163 4.82 -17.09 -0.76
C LYS A 163 4.32 -18.43 -1.33
N ASP A 164 3.19 -18.40 -2.04
CA ASP A 164 2.59 -19.58 -2.69
C ASP A 164 3.57 -20.15 -3.72
N ALA A 165 4.23 -19.31 -4.51
CA ALA A 165 5.31 -19.76 -5.43
C ALA A 165 6.37 -20.58 -4.67
N GLY A 166 6.75 -20.10 -3.49
CA GLY A 166 7.76 -20.78 -2.65
C GLY A 166 7.26 -22.16 -2.24
N ALA A 167 6.00 -22.23 -1.78
CA ALA A 167 5.36 -23.48 -1.31
C ALA A 167 5.30 -24.45 -2.48
N ILE A 168 4.95 -23.98 -3.68
CA ILE A 168 4.90 -24.86 -4.89
C ILE A 168 6.30 -25.37 -5.23
N ALA A 169 7.34 -24.56 -5.02
CA ALA A 169 8.74 -24.95 -5.30
C ALA A 169 9.28 -25.95 -4.25
N GLY A 170 8.53 -26.24 -3.18
CA GLY A 170 8.96 -27.17 -2.11
C GLY A 170 9.70 -26.47 -1.00
N LEU A 171 9.58 -25.15 -0.89
CA LEU A 171 10.24 -24.38 0.18
C LEU A 171 9.26 -24.11 1.30
N ASN A 172 9.75 -24.22 2.53
CA ASN A 172 9.08 -23.68 3.73
C ASN A 172 9.51 -22.23 3.85
N VAL A 173 8.60 -21.30 3.57
CA VAL A 173 8.95 -19.86 3.52
C VAL A 173 8.89 -19.31 4.94
N LEU A 174 10.06 -19.12 5.57
CA LEU A 174 10.16 -18.63 6.96
C LEU A 174 9.55 -17.24 6.99
N ARG A 175 9.82 -16.45 5.97
CA ARG A 175 9.36 -15.04 5.95
C ARG A 175 9.50 -14.44 4.56
N ILE A 176 8.59 -13.53 4.23
CA ILE A 176 8.72 -12.58 3.10
C ILE A 176 9.24 -11.27 3.66
N ILE A 177 10.35 -10.75 3.17
CA ILE A 177 10.90 -9.44 3.65
C ILE A 177 11.10 -8.52 2.44
N ASN A 178 11.17 -7.22 2.70
CA ASN A 178 11.37 -6.18 1.65
C ASN A 178 12.81 -6.21 1.13
N GLU A 179 12.97 -6.14 -0.18
CA GLU A 179 14.27 -6.02 -0.89
C GLU A 179 15.16 -4.94 -0.26
N PRO A 180 14.70 -3.69 -0.08
CA PRO A 180 15.58 -2.64 0.43
C PRO A 180 16.05 -2.93 1.86
N THR A 181 15.18 -3.52 2.67
CA THR A 181 15.53 -3.94 4.04
C THR A 181 16.60 -5.04 3.98
N ALA A 182 16.43 -6.05 3.12
CA ALA A 182 17.43 -7.11 2.88
C ALA A 182 18.80 -6.51 2.54
N ALA A 183 18.85 -5.52 1.66
CA ALA A 183 20.11 -4.89 1.27
C ALA A 183 20.77 -4.24 2.49
N ALA A 184 19.98 -3.55 3.31
CA ALA A 184 20.49 -2.84 4.52
C ALA A 184 21.04 -3.85 5.53
N ILE A 185 20.32 -4.96 5.74
CA ILE A 185 20.73 -6.09 6.60
C ILE A 185 22.07 -6.66 6.13
N ALA A 186 22.28 -6.83 4.81
CA ALA A 186 23.53 -7.36 4.22
C ALA A 186 24.73 -6.57 4.73
N TYR A 187 24.64 -5.23 4.80
CA TYR A 187 25.76 -4.36 5.19
C TYR A 187 25.86 -4.20 6.74
N GLY A 188 25.02 -4.88 7.51
CA GLY A 188 25.05 -4.88 9.00
C GLY A 188 24.73 -3.50 9.55
N LEU A 189 23.92 -2.68 8.86
CA LEU A 189 23.65 -1.29 9.27
C LEU A 189 22.58 -1.36 10.37
N GLY A 193 26.12 0.46 15.29
CA GLY A 193 26.32 1.65 16.14
C GLY A 193 25.41 1.63 17.37
N GLY A 195 22.75 4.94 17.48
CA GLY A 195 21.50 5.72 17.49
C GLY A 195 20.73 5.58 16.19
N GLU A 196 19.94 6.60 15.80
CA GLU A 196 19.07 6.57 14.59
C GLU A 196 19.94 6.76 13.35
N GLN A 197 19.67 5.97 12.32
CA GLN A 197 20.42 5.98 11.04
C GLN A 197 19.41 6.09 9.89
N ASN A 198 19.63 7.06 9.02
CA ASN A 198 18.87 7.27 7.76
C ASN A 198 19.64 6.59 6.61
N ILE A 199 19.04 5.57 6.00
CA ILE A 199 19.68 4.73 4.94
C ILE A 199 18.88 4.91 3.64
N LEU A 200 19.55 5.35 2.57
CA LEU A 200 18.93 5.38 1.22
C LEU A 200 19.38 4.16 0.40
N ILE A 201 18.43 3.34 -0.05
CA ILE A 201 18.68 2.20 -0.96
C ILE A 201 18.37 2.69 -2.38
N PHE A 202 19.37 2.69 -3.25
CA PHE A 202 19.28 3.03 -4.68
C PHE A 202 19.43 1.73 -5.46
N ASP A 203 18.34 1.20 -5.97
CA ASP A 203 18.29 -0.16 -6.56
C ASP A 203 17.87 -0.06 -8.02
N LEU A 204 18.83 -0.26 -8.92
CA LEU A 204 18.59 -0.18 -10.38
C LEU A 204 18.98 -1.52 -11.00
N GLY A 205 17.98 -2.35 -11.28
CA GLY A 205 18.17 -3.70 -11.82
C GLY A 205 18.06 -3.76 -13.34
N GLY A 206 17.55 -4.86 -13.84
CA GLY A 206 17.29 -5.10 -15.27
C GLY A 206 15.97 -4.48 -15.74
N GLY A 207 14.94 -4.50 -14.93
CA GLY A 207 13.60 -4.00 -15.33
C GLY A 207 13.12 -2.79 -14.56
N THR A 208 13.58 -2.61 -13.32
CA THR A 208 12.97 -1.65 -12.36
C THR A 208 13.99 -0.83 -11.61
N PHE A 209 13.52 0.32 -11.17
CA PHE A 209 14.27 1.31 -10.38
C PHE A 209 13.47 1.61 -9.12
N ASP A 210 14.07 1.34 -7.96
CA ASP A 210 13.42 1.53 -6.64
C ASP A 210 14.35 2.33 -5.74
N VAL A 211 13.85 3.44 -5.19
CA VAL A 211 14.57 4.21 -4.17
C VAL A 211 13.75 4.08 -2.91
N SER A 212 14.39 3.70 -1.82
CA SER A 212 13.77 3.49 -0.49
C SER A 212 14.57 4.22 0.57
N LEU A 213 13.90 5.01 1.40
CA LEU A 213 14.52 5.69 2.56
C LEU A 213 14.05 4.96 3.81
N LEU A 214 15.00 4.35 4.51
CA LEU A 214 14.79 3.52 5.71
C LEU A 214 15.35 4.33 6.89
N THR A 215 14.76 4.12 8.05
CA THR A 215 15.32 4.52 9.35
C THR A 215 15.54 3.26 10.15
N LEU A 216 16.59 3.25 10.96
CA LEU A 216 17.06 2.11 11.77
C LEU A 216 17.36 2.65 13.16
N GLU A 217 16.40 2.54 14.08
CA GLU A 217 16.61 2.78 15.53
C GLU A 217 16.45 1.44 16.26
N ASP A 218 17.51 1.01 16.95
CA ASP A 218 17.52 -0.11 17.93
C ASP A 218 17.28 -1.43 17.20
N GLY A 219 18.05 -1.68 16.14
CA GLY A 219 18.03 -2.92 15.35
C GLY A 219 16.74 -3.13 14.59
N ILE A 220 15.91 -2.09 14.47
CA ILE A 220 14.54 -2.16 13.87
C ILE A 220 14.49 -1.23 12.65
N PHE A 221 14.36 -1.77 11.44
CA PHE A 221 14.20 -1.01 10.18
C PHE A 221 12.75 -0.57 10.01
N GLU A 222 12.51 0.67 9.58
CA GLU A 222 11.21 1.12 9.05
C GLU A 222 11.43 1.73 7.65
N VAL A 223 10.52 1.45 6.72
CA VAL A 223 10.47 2.09 5.39
C VAL A 223 9.74 3.42 5.56
N LYS A 224 10.44 4.54 5.48
CA LYS A 224 9.89 5.89 5.64
C LYS A 224 9.22 6.33 4.33
N ALA A 225 9.83 6.07 3.18
CA ALA A 225 9.32 6.57 1.88
C ALA A 225 9.94 5.74 0.77
N THR A 226 9.22 5.58 -0.34
CA THR A 226 9.68 4.85 -1.54
C THR A 226 9.24 5.62 -2.78
N SER A 227 10.04 5.54 -3.82
CA SER A 227 9.74 6.12 -5.13
C SER A 227 10.57 5.34 -6.15
N GLY A 228 10.25 5.46 -7.42
CA GLY A 228 11.09 4.95 -8.51
C GLY A 228 10.29 4.86 -9.79
N ASP A 229 10.62 3.88 -10.61
CA ASP A 229 10.02 3.71 -11.95
C ASP A 229 10.05 2.21 -12.24
N THR A 230 8.88 1.57 -12.35
CA THR A 230 8.76 0.12 -12.62
C THR A 230 9.21 -0.20 -14.04
N HIS A 231 9.54 0.80 -14.87
CA HIS A 231 9.98 0.60 -16.26
C HIS A 231 11.25 1.38 -16.57
N LEU A 232 12.15 1.53 -15.60
CA LEU A 232 13.53 1.98 -15.86
C LEU A 232 14.49 0.94 -15.28
N GLY A 233 15.30 0.35 -16.14
CA GLY A 233 16.36 -0.60 -15.72
C GLY A 233 17.34 -0.82 -16.84
N GLY A 234 18.25 -1.78 -16.66
CA GLY A 234 19.29 -2.08 -17.65
C GLY A 234 18.70 -2.33 -19.03
N GLU A 235 17.53 -2.98 -19.12
CA GLU A 235 16.90 -3.33 -20.43
C GLU A 235 16.67 -2.03 -21.25
N ASP A 236 16.37 -0.92 -20.58
CA ASP A 236 16.10 0.40 -21.22
C ASP A 236 17.41 0.97 -21.78
N PHE A 237 18.56 0.68 -21.15
CA PHE A 237 19.89 1.14 -21.63
C PHE A 237 20.29 0.27 -22.81
N ASP A 238 19.97 -1.02 -22.76
CA ASP A 238 20.20 -1.93 -23.90
C ASP A 238 19.42 -1.41 -25.12
N ASN A 239 18.18 -0.97 -24.91
CA ASN A 239 17.25 -0.50 -25.96
C ASN A 239 17.81 0.77 -26.61
N LYS A 240 18.51 1.61 -25.84
CA LYS A 240 19.16 2.83 -26.37
C LYS A 240 20.27 2.40 -27.33
N LEU A 241 21.01 1.35 -27.00
CA LEU A 241 22.08 0.85 -27.91
C LEU A 241 21.43 0.19 -29.15
N VAL A 242 20.33 -0.54 -28.97
CA VAL A 242 19.63 -1.22 -30.10
C VAL A 242 19.17 -0.15 -31.10
N ASN A 243 18.45 0.89 -30.63
CA ASN A 243 17.90 1.98 -31.46
C ASN A 243 19.04 2.66 -32.25
N PHE A 244 20.19 2.91 -31.62
CA PHE A 244 21.37 3.52 -32.25
C PHE A 244 21.89 2.60 -33.38
N CYS A 245 22.05 1.31 -33.09
CA CYS A 245 22.64 0.34 -34.03
C CYS A 245 21.73 0.17 -35.25
N VAL A 246 20.41 0.17 -35.03
CA VAL A 246 19.39 0.04 -36.10
C VAL A 246 19.58 1.19 -37.09
N GLN A 247 19.77 2.41 -36.56
CA GLN A 247 19.96 3.65 -37.33
C GLN A 247 21.33 3.63 -38.01
N ASP A 248 22.34 3.10 -37.33
CA ASP A 248 23.73 2.99 -37.84
C ASP A 248 23.77 2.03 -39.03
N PHE A 249 23.03 0.91 -38.93
CA PHE A 249 22.94 -0.11 -40.00
C PHE A 249 22.29 0.53 -41.24
N LYS A 250 21.24 1.34 -41.05
CA LYS A 250 20.53 2.09 -42.11
C LYS A 250 21.54 2.94 -42.88
N LYS A 251 22.34 3.75 -42.19
CA LYS A 251 23.35 4.67 -42.78
C LYS A 251 24.48 3.90 -43.47
N LYS A 252 24.69 2.62 -43.16
CA LYS A 252 25.78 1.83 -43.76
C LYS A 252 25.26 1.01 -44.96
N ASN A 253 23.98 0.65 -44.99
CA ASN A 253 23.42 -0.41 -45.88
C ASN A 253 22.18 0.11 -46.64
N GLY A 254 22.27 1.37 -47.12
CA GLY A 254 21.28 2.00 -48.02
C GLY A 254 19.86 1.90 -47.49
N GLY A 255 19.64 2.37 -46.26
CA GLY A 255 18.32 2.48 -45.60
C GLY A 255 17.67 1.15 -45.18
N LYS A 256 18.38 -0.01 -45.20
CA LYS A 256 17.77 -1.31 -44.79
C LYS A 256 17.45 -1.29 -43.28
N ASP A 257 16.29 -1.84 -42.89
CA ASP A 257 15.67 -1.64 -41.56
C ASP A 257 15.61 -2.99 -40.82
N VAL A 258 16.59 -3.19 -39.93
CA VAL A 258 16.72 -4.39 -39.06
C VAL A 258 15.46 -4.56 -38.20
N SER A 259 14.79 -3.45 -37.84
CA SER A 259 13.63 -3.43 -36.91
C SER A 259 12.43 -4.20 -37.47
N LYS A 260 12.39 -4.45 -38.78
CA LYS A 260 11.32 -5.22 -39.48
C LYS A 260 11.43 -6.71 -39.12
N ASN A 261 12.60 -7.16 -38.67
CA ASN A 261 12.85 -8.58 -38.31
C ASN A 261 13.05 -8.69 -36.79
N SER A 262 12.12 -9.33 -36.09
CA SER A 262 12.12 -9.39 -34.61
C SER A 262 13.30 -10.27 -34.13
N LYS A 263 13.68 -11.31 -34.88
CA LYS A 263 14.84 -12.18 -34.57
C LYS A 263 16.14 -11.35 -34.72
N SER A 264 16.25 -10.51 -35.75
CA SER A 264 17.41 -9.61 -35.95
C SER A 264 17.54 -8.65 -34.76
N LEU A 265 16.43 -8.08 -34.28
CA LEU A 265 16.44 -7.16 -33.13
C LEU A 265 16.93 -7.91 -31.87
N ARG A 266 16.44 -9.13 -31.64
CA ARG A 266 16.74 -9.91 -30.42
C ARG A 266 18.23 -10.24 -30.39
N ARG A 267 18.80 -10.65 -31.53
CA ARG A 267 20.24 -10.99 -31.66
C ARG A 267 21.06 -9.74 -31.42
N LEU A 268 20.60 -8.59 -31.94
CA LEU A 268 21.25 -7.29 -31.72
C LEU A 268 21.20 -6.91 -30.24
N ARG A 269 20.03 -7.07 -29.60
CA ARG A 269 19.79 -6.73 -28.17
C ARG A 269 20.75 -7.53 -27.29
N THR A 270 20.86 -8.84 -27.51
CA THR A 270 21.79 -9.75 -26.78
C THR A 270 23.20 -9.14 -26.80
N GLN A 271 23.68 -8.72 -27.95
CA GLN A 271 25.05 -8.19 -28.11
C GLN A 271 25.15 -6.77 -27.53
N CYS A 272 24.07 -5.99 -27.55
CA CYS A 272 24.10 -4.61 -26.98
C CYS A 272 24.28 -4.73 -25.45
N GLU A 273 23.60 -5.68 -24.83
CA GLU A 273 23.68 -5.94 -23.37
CA GLU A 273 23.68 -5.94 -23.37
C GLU A 273 25.13 -6.32 -23.01
N LYS A 274 25.78 -7.13 -23.84
CA LYS A 274 27.17 -7.58 -23.53
C LYS A 274 28.10 -6.37 -23.60
N ALA A 275 28.00 -5.56 -24.64
CA ALA A 275 28.81 -4.34 -24.84
C ALA A 275 28.62 -3.40 -23.64
N LYS A 276 27.36 -3.17 -23.25
CA LYS A 276 27.02 -2.32 -22.06
C LYS A 276 27.83 -2.78 -20.84
N ARG A 277 27.84 -4.06 -20.54
CA ARG A 277 28.60 -4.57 -19.37
C ARG A 277 30.10 -4.24 -19.51
N VAL A 278 30.69 -4.49 -20.67
CA VAL A 278 32.13 -4.19 -20.95
C VAL A 278 32.39 -2.69 -20.68
N LEU A 279 31.51 -1.81 -21.10
CA LEU A 279 31.66 -0.34 -20.94
C LEU A 279 31.63 0.10 -19.47
N SER A 280 31.26 -0.77 -18.52
CA SER A 280 31.36 -0.46 -17.07
C SER A 280 32.82 -0.60 -16.60
N SER A 281 33.71 -1.25 -17.36
CA SER A 281 35.13 -1.41 -16.93
C SER A 281 36.12 -1.07 -18.06
N SER A 282 35.67 -0.77 -19.27
CA SER A 282 36.52 -0.31 -20.41
C SER A 282 35.97 0.98 -21.02
N ALA A 283 36.80 1.70 -21.79
CA ALA A 283 36.48 3.01 -22.41
C ALA A 283 35.70 2.78 -23.69
N GLN A 284 35.74 1.56 -24.23
CA GLN A 284 35.20 1.18 -25.57
C GLN A 284 34.75 -0.27 -25.56
N ALA A 285 33.85 -0.63 -26.48
CA ALA A 285 33.36 -2.03 -26.68
C ALA A 285 32.87 -2.17 -28.11
N THR A 286 32.89 -3.38 -28.63
CA THR A 286 32.40 -3.72 -29.99
C THR A 286 31.05 -4.42 -29.88
N ILE A 287 30.09 -3.97 -30.68
CA ILE A 287 28.83 -4.70 -30.94
C ILE A 287 29.00 -5.35 -32.32
N GLU A 288 28.88 -6.67 -32.38
CA GLU A 288 29.14 -7.48 -33.60
C GLU A 288 28.02 -8.52 -33.74
N VAL A 289 27.36 -8.57 -34.88
CA VAL A 289 26.37 -9.64 -35.20
C VAL A 289 26.63 -10.08 -36.64
N ASP A 290 27.10 -11.32 -36.80
CA ASP A 290 27.37 -11.94 -38.12
C ASP A 290 25.99 -12.24 -38.74
N SER A 291 25.81 -11.87 -40.00
CA SER A 291 24.56 -12.12 -40.77
C SER A 291 23.37 -11.64 -39.93
N LEU A 292 23.31 -10.33 -39.66
CA LEU A 292 22.29 -9.72 -38.77
C LEU A 292 20.92 -9.69 -39.47
N PHE A 293 20.90 -9.17 -40.70
CA PHE A 293 19.69 -8.88 -41.51
C PHE A 293 20.14 -8.99 -42.97
N ASP A 294 19.46 -9.79 -43.80
CA ASP A 294 19.73 -9.93 -45.26
C ASP A 294 21.17 -10.43 -45.48
N GLY A 295 21.61 -11.41 -44.70
CA GLY A 295 22.98 -11.97 -44.71
C GLY A 295 24.07 -10.92 -44.51
N ILE A 296 23.75 -9.69 -44.07
CA ILE A 296 24.76 -8.59 -43.89
C ILE A 296 25.32 -8.67 -42.47
N ASP A 297 26.65 -8.66 -42.35
CA ASP A 297 27.40 -8.65 -41.08
C ASP A 297 27.30 -7.24 -40.50
N TYR A 298 27.15 -7.12 -39.18
CA TYR A 298 27.13 -5.81 -38.50
C TYR A 298 28.26 -5.73 -37.47
N ASN A 299 28.91 -4.58 -37.44
CA ASN A 299 30.06 -4.30 -36.57
C ASN A 299 30.04 -2.82 -36.27
N VAL A 300 30.20 -2.43 -35.00
CA VAL A 300 30.32 -0.99 -34.62
C VAL A 300 31.09 -0.92 -33.30
N ASN A 301 31.84 0.17 -33.12
CA ASN A 301 32.57 0.44 -31.86
C ASN A 301 31.81 1.51 -31.09
N ILE A 302 31.52 1.26 -29.82
CA ILE A 302 30.78 2.20 -28.92
C ILE A 302 31.75 2.63 -27.84
N THR A 303 32.02 3.93 -27.72
CA THR A 303 32.81 4.48 -26.59
C THR A 303 31.87 4.61 -25.38
N ARG A 304 32.43 4.64 -24.18
CA ARG A 304 31.68 4.88 -22.93
C ARG A 304 30.98 6.24 -23.04
N ALA A 305 31.66 7.23 -23.63
CA ALA A 305 31.12 8.59 -23.85
C ALA A 305 29.84 8.53 -24.71
N LYS A 306 29.82 7.71 -25.76
CA LYS A 306 28.63 7.63 -26.67
C LYS A 306 27.46 6.96 -25.93
N PHE A 307 27.74 5.90 -25.17
CA PHE A 307 26.74 5.21 -24.34
C PHE A 307 26.16 6.21 -23.35
N GLU A 308 27.01 6.99 -22.68
CA GLU A 308 26.63 8.00 -21.67
C GLU A 308 25.71 9.05 -22.31
N GLU A 309 25.99 9.40 -23.57
CA GLU A 309 25.22 10.41 -24.33
C GLU A 309 23.85 9.81 -24.64
N LEU A 310 23.80 8.60 -25.19
CA LEU A 310 22.51 7.93 -25.54
C LEU A 310 21.59 7.83 -24.32
N CYS A 311 22.15 7.63 -23.11
CA CYS A 311 21.40 7.30 -21.86
C CYS A 311 21.35 8.50 -20.91
N MET A 312 21.89 9.65 -21.34
CA MET A 312 22.08 10.86 -20.53
C MET A 312 20.81 11.23 -19.72
N ASP A 313 19.65 11.32 -20.36
CA ASP A 313 18.38 11.77 -19.70
C ASP A 313 17.98 10.69 -18.67
N GLN A 314 18.03 9.44 -19.07
CA GLN A 314 17.60 8.31 -18.21
C GLN A 314 18.49 8.26 -16.96
N PHE A 315 19.79 8.46 -17.11
CA PHE A 315 20.77 8.41 -15.99
C PHE A 315 20.44 9.56 -15.01
N ARG A 316 20.36 10.78 -15.54
CA ARG A 316 20.13 12.01 -14.72
C ARG A 316 18.78 11.90 -14.01
N ASN A 317 17.75 11.38 -14.67
CA ASN A 317 16.38 11.30 -14.10
C ASN A 317 16.33 10.30 -12.94
N THR A 318 17.39 9.49 -12.71
CA THR A 318 17.40 8.57 -11.53
C THR A 318 17.42 9.40 -10.25
N LEU A 319 17.92 10.65 -10.29
CA LEU A 319 17.97 11.52 -9.10
C LEU A 319 16.56 12.02 -8.70
N ILE A 320 15.60 12.00 -9.62
CA ILE A 320 14.25 12.58 -9.32
C ILE A 320 13.57 11.77 -8.22
N PRO A 321 13.50 10.42 -8.28
CA PRO A 321 12.94 9.66 -7.16
C PRO A 321 13.75 9.79 -5.86
N VAL A 322 15.06 10.09 -5.96
CA VAL A 322 15.88 10.30 -4.76
C VAL A 322 15.36 11.58 -4.04
N GLU A 323 15.22 12.67 -4.80
CA GLU A 323 14.68 13.95 -4.29
C GLU A 323 13.26 13.74 -3.74
N LYS A 324 12.43 12.93 -4.41
CA LYS A 324 11.03 12.70 -3.98
C LYS A 324 10.96 11.95 -2.63
N VAL A 325 11.77 10.91 -2.40
CA VAL A 325 11.70 10.18 -1.09
C VAL A 325 12.22 11.09 0.03
N LEU A 326 13.21 11.92 -0.25
CA LEU A 326 13.75 12.85 0.77
C LEU A 326 12.65 13.90 1.11
N LYS A 327 11.99 14.45 0.11
CA LYS A 327 10.84 15.37 0.29
C LYS A 327 9.75 14.69 1.12
N ASP A 328 9.28 13.49 0.75
CA ASP A 328 8.20 12.77 1.47
C ASP A 328 8.61 12.54 2.93
N ALA A 329 9.87 12.18 3.17
CA ALA A 329 10.39 11.91 4.52
C ALA A 329 10.72 13.23 5.23
N LYS A 330 10.54 14.38 4.56
CA LYS A 330 10.89 15.73 5.10
C LYS A 330 12.31 15.69 5.65
N MET A 331 13.28 15.23 4.85
CA MET A 331 14.68 15.22 5.31
C MET A 331 15.59 15.73 4.19
N ASP A 332 16.69 16.31 4.64
CA ASP A 332 17.75 16.87 3.76
C ASP A 332 18.71 15.75 3.37
N LYS A 333 19.27 15.80 2.16
CA LYS A 333 20.21 14.76 1.64
C LYS A 333 21.42 14.64 2.59
N SER A 334 21.75 15.71 3.30
CA SER A 334 22.89 15.77 4.28
C SER A 334 22.61 14.89 5.49
N GLN A 335 21.35 14.50 5.74
CA GLN A 335 20.95 13.68 6.90
C GLN A 335 21.04 12.17 6.60
N VAL A 336 21.35 11.79 5.35
CA VAL A 336 21.50 10.36 4.96
C VAL A 336 22.87 9.86 5.44
N HIS A 337 22.88 8.85 6.30
CA HIS A 337 24.10 8.19 6.87
C HIS A 337 24.76 7.22 5.87
N GLU A 338 23.98 6.44 5.11
CA GLU A 338 24.51 5.46 4.11
C GLU A 338 23.64 5.50 2.84
N ILE A 339 24.29 5.48 1.68
CA ILE A 339 23.70 5.28 0.32
C ILE A 339 24.14 3.89 -0.13
N VAL A 340 23.21 2.95 -0.22
CA VAL A 340 23.51 1.54 -0.59
C VAL A 340 23.15 1.39 -2.06
N LEU A 341 24.13 1.06 -2.89
CA LEU A 341 23.90 0.72 -4.31
C LEU A 341 23.53 -0.76 -4.43
N VAL A 342 22.38 -1.00 -5.02
CA VAL A 342 21.78 -2.35 -5.22
C VAL A 342 21.39 -2.42 -6.70
N GLY A 343 21.48 -3.61 -7.28
CA GLY A 343 21.05 -3.86 -8.64
C GLY A 343 22.20 -3.81 -9.60
N GLY A 344 22.18 -4.69 -10.58
CA GLY A 344 23.25 -4.87 -11.58
C GLY A 344 23.63 -3.59 -12.31
N SER A 345 22.66 -2.70 -12.58
CA SER A 345 22.92 -1.45 -13.35
C SER A 345 23.71 -0.43 -12.51
N THR A 346 23.81 -0.57 -11.19
CA THR A 346 24.60 0.39 -10.39
C THR A 346 26.12 0.19 -10.63
N ARG A 347 26.54 -0.81 -11.39
CA ARG A 347 27.95 -0.97 -11.87
C ARG A 347 28.29 0.08 -12.92
N ILE A 348 27.30 0.75 -13.53
CA ILE A 348 27.58 1.79 -14.56
C ILE A 348 28.29 2.97 -13.89
N PRO A 349 29.55 3.30 -14.27
CA PRO A 349 30.27 4.39 -13.62
C PRO A 349 29.51 5.74 -13.57
N LYS A 350 28.84 6.12 -14.65
CA LYS A 350 28.14 7.42 -14.74
C LYS A 350 27.05 7.49 -13.67
N ILE A 351 26.35 6.39 -13.41
CA ILE A 351 25.30 6.35 -12.35
C ILE A 351 25.96 6.53 -10.99
N GLN A 352 27.10 5.86 -10.75
CA GLN A 352 27.83 5.98 -9.49
C GLN A 352 28.26 7.45 -9.29
N GLN A 353 28.76 8.10 -10.33
CA GLN A 353 29.24 9.51 -10.28
C GLN A 353 28.06 10.47 -10.03
N LEU A 354 26.94 10.32 -10.76
CA LEU A 354 25.72 11.16 -10.53
C LEU A 354 25.24 11.09 -9.08
N ILE A 355 25.22 9.91 -8.47
CA ILE A 355 24.71 9.68 -7.11
C ILE A 355 25.67 10.31 -6.11
N LYS A 356 26.98 10.05 -6.27
CA LYS A 356 28.04 10.57 -5.39
C LYS A 356 27.99 12.11 -5.38
N ASP A 357 27.88 12.72 -6.55
CA ASP A 357 27.82 14.19 -6.73
C ASP A 357 26.57 14.74 -6.04
N PHE A 358 25.42 14.12 -6.24
CA PHE A 358 24.14 14.51 -5.61
C PHE A 358 24.31 14.52 -4.09
N PHE A 359 24.95 13.50 -3.51
CA PHE A 359 25.19 13.40 -2.06
C PHE A 359 26.49 14.13 -1.64
N ASN A 360 26.94 15.09 -2.44
CA ASN A 360 28.03 16.03 -2.05
C ASN A 360 29.33 15.26 -1.82
N GLY A 361 29.60 14.21 -2.62
CA GLY A 361 30.89 13.47 -2.57
C GLY A 361 30.92 12.31 -1.61
N LYS A 362 29.81 12.03 -0.91
CA LYS A 362 29.72 10.88 0.02
C LYS A 362 29.85 9.59 -0.81
N GLU A 363 30.75 8.71 -0.41
CA GLU A 363 30.99 7.41 -1.07
C GLU A 363 29.80 6.52 -0.78
N PRO A 364 29.12 5.95 -1.80
CA PRO A 364 28.09 4.95 -1.53
C PRO A 364 28.67 3.63 -0.99
N CSX A 365 27.87 2.88 -0.24
CA CSX A 365 28.18 1.48 0.14
CA CSX A 365 28.14 1.48 0.16
CB CSX A 365 27.42 1.08 1.41
CB CSX A 365 27.25 1.03 1.33
SG CSX A 365 28.18 1.96 2.80
SG CSX A 365 27.47 1.89 2.93
C CSX A 365 27.91 0.57 -1.08
O CSX A 365 26.75 0.46 -1.56
OD CSX A 365 29.46 1.26 3.04
OD CSX A 365 27.41 0.82 3.92
N LYS A 366 28.96 -0.01 -1.63
CA LYS A 366 28.87 -0.85 -2.86
C LYS A 366 29.86 -2.01 -2.78
N ALA A 367 30.39 -2.32 -1.59
CA ALA A 367 31.36 -3.42 -1.38
C ALA A 367 30.74 -4.76 -1.80
N ILE A 368 29.44 -4.97 -1.54
CA ILE A 368 28.76 -6.23 -1.95
C ILE A 368 28.37 -6.08 -3.44
N ASN A 369 28.77 -7.01 -4.31
CA ASN A 369 28.28 -7.10 -5.71
C ASN A 369 26.81 -6.67 -5.70
N PRO A 370 26.44 -5.56 -6.38
CA PRO A 370 25.12 -4.95 -6.14
C PRO A 370 23.94 -5.84 -6.51
N ASP A 371 24.13 -6.76 -7.45
CA ASP A 371 23.07 -7.72 -7.87
C ASP A 371 23.01 -8.93 -6.94
N GLU A 372 23.80 -8.94 -5.87
CA GLU A 372 23.81 -10.02 -4.84
C GLU A 372 23.36 -9.52 -3.46
N ALA A 373 23.32 -8.23 -3.21
CA ALA A 373 23.13 -7.67 -1.86
C ALA A 373 21.78 -8.10 -1.27
N VAL A 374 20.71 -8.16 -2.07
CA VAL A 374 19.37 -8.56 -1.58
C VAL A 374 19.42 -10.03 -1.14
N ALA A 375 19.94 -10.93 -1.96
CA ALA A 375 20.04 -12.36 -1.57
C ALA A 375 20.94 -12.48 -0.32
N TYR A 376 21.95 -11.63 -0.22
CA TYR A 376 22.95 -11.69 0.88
C TYR A 376 22.20 -11.42 2.19
N GLY A 377 21.44 -10.32 2.22
CA GLY A 377 20.59 -9.95 3.34
C GLY A 377 19.55 -10.99 3.65
N ALA A 378 18.86 -11.51 2.63
CA ALA A 378 17.86 -12.57 2.84
C ALA A 378 18.53 -13.76 3.54
N ALA A 379 19.75 -14.10 3.13
CA ALA A 379 20.50 -15.27 3.67
C ALA A 379 20.80 -15.02 5.16
N VAL A 380 21.18 -13.79 5.53
CA VAL A 380 21.45 -13.39 6.93
C VAL A 380 20.15 -13.57 7.72
N GLN A 381 19.03 -13.06 7.20
CA GLN A 381 17.74 -13.12 7.92
C GLN A 381 17.33 -14.58 8.07
N ALA A 382 17.55 -15.41 7.04
CA ALA A 382 17.18 -16.84 7.06
C ALA A 382 17.95 -17.56 8.20
N ALA A 383 19.23 -17.23 8.38
CA ALA A 383 20.11 -17.85 9.41
C ALA A 383 19.63 -17.43 10.80
N ILE A 384 19.37 -16.13 11.00
CA ILE A 384 18.87 -15.56 12.28
C ILE A 384 17.55 -16.25 12.63
N LEU A 385 16.60 -16.36 11.69
CA LEU A 385 15.27 -16.98 11.95
C LEU A 385 15.40 -18.50 12.12
N SER A 386 16.55 -19.09 11.82
CA SER A 386 16.84 -20.52 12.09
C SER A 386 17.54 -20.70 13.45
N GLY A 387 17.77 -19.61 14.21
CA GLY A 387 18.39 -19.62 15.55
C GLY A 387 19.92 -19.53 15.52
N ASP A 388 20.54 -19.20 14.37
CA ASP A 388 22.01 -19.00 14.24
C ASP A 388 22.36 -17.53 14.49
N GLN A 389 22.95 -17.20 15.65
CA GLN A 389 23.23 -15.80 16.06
C GLN A 389 24.65 -15.34 15.66
N SER A 390 25.34 -16.01 14.72
CA SER A 390 26.78 -15.78 14.42
C SER A 390 27.02 -14.50 13.61
N SER A 391 26.07 -14.04 12.79
CA SER A 391 26.20 -12.86 11.88
C SER A 391 26.30 -11.56 12.70
N GLU B 7 -6.87 -19.18 9.08
CA GLU B 7 -5.90 -18.52 10.02
C GLU B 7 -6.03 -16.99 9.93
N VAL B 8 -6.44 -16.45 8.78
CA VAL B 8 -6.53 -14.98 8.52
C VAL B 8 -7.62 -14.40 9.44
N ALA B 9 -7.25 -13.39 10.23
CA ALA B 9 -8.17 -12.61 11.07
C ALA B 9 -8.17 -11.17 10.50
N ILE B 10 -9.30 -10.47 10.68
CA ILE B 10 -9.50 -9.08 10.19
C ILE B 10 -9.59 -8.13 11.38
N GLY B 11 -9.17 -6.90 11.14
CA GLY B 11 -9.41 -5.79 12.05
C GLY B 11 -10.51 -4.92 11.48
N ILE B 12 -11.44 -4.48 12.33
CA ILE B 12 -12.58 -3.64 11.87
C ILE B 12 -12.67 -2.41 12.76
N ASP B 13 -12.53 -1.24 12.18
CA ASP B 13 -12.98 0.06 12.72
C ASP B 13 -14.49 0.14 12.46
N LEU B 14 -15.30 -0.02 13.50
CA LEU B 14 -16.76 0.18 13.42
C LEU B 14 -17.01 1.64 13.82
N GLY B 15 -16.98 2.51 12.82
CA GLY B 15 -17.04 3.97 12.98
C GLY B 15 -18.47 4.44 13.14
N THR B 16 -18.66 5.60 13.76
CA THR B 16 -19.99 6.25 13.82
C THR B 16 -20.48 6.53 12.40
N THR B 17 -19.61 7.01 11.51
CA THR B 17 -19.98 7.44 10.15
C THR B 17 -19.41 6.50 9.09
N TYR B 18 -18.17 6.03 9.24
CA TYR B 18 -17.52 5.15 8.25
C TYR B 18 -16.78 4.02 8.96
N SER B 19 -16.92 2.81 8.43
CA SER B 19 -16.24 1.60 8.94
C SER B 19 -15.16 1.18 7.94
N CYS B 20 -14.19 0.41 8.38
CA CYS B 20 -12.99 0.12 7.59
C CYS B 20 -12.47 -1.25 8.00
N VAL B 21 -12.02 -2.04 7.04
CA VAL B 21 -11.53 -3.41 7.35
C VAL B 21 -10.12 -3.61 6.80
N GLY B 22 -9.27 -4.25 7.60
CA GLY B 22 -7.88 -4.53 7.20
C GLY B 22 -7.47 -5.95 7.50
N ILE B 23 -6.40 -6.40 6.83
CA ILE B 23 -5.70 -7.66 7.17
C ILE B 23 -4.20 -7.38 7.25
N CYS B 24 -3.52 -8.03 8.19
CA CYS B 24 -2.06 -7.93 8.37
C CYS B 24 -1.48 -9.32 8.09
N ARG B 25 -0.54 -9.39 7.15
CA ARG B 25 -0.02 -10.67 6.64
C ARG B 25 1.31 -10.38 5.95
N ASN B 26 2.34 -11.19 6.19
CA ASN B 26 3.65 -11.01 5.51
C ASN B 26 4.21 -9.64 5.90
N GLY B 27 3.91 -9.21 7.14
CA GLY B 27 4.34 -7.95 7.75
C GLY B 27 3.74 -6.73 7.08
N VAL B 28 2.69 -6.90 6.26
CA VAL B 28 2.06 -5.77 5.51
C VAL B 28 0.58 -5.71 5.90
N VAL B 29 0.03 -4.51 6.03
CA VAL B 29 -1.42 -4.32 6.24
C VAL B 29 -2.08 -3.88 4.94
N ASP B 30 -3.06 -4.66 4.50
CA ASP B 30 -3.96 -4.30 3.40
C ASP B 30 -5.30 -3.77 3.98
N ILE B 31 -5.65 -2.53 3.65
CA ILE B 31 -7.00 -1.97 3.91
C ILE B 31 -7.82 -2.32 2.69
N ILE B 32 -8.90 -3.08 2.85
CA ILE B 32 -9.59 -3.74 1.71
C ILE B 32 -10.70 -2.82 1.18
N ALA B 33 -10.68 -2.57 -0.14
CA ALA B 33 -11.68 -1.76 -0.85
C ALA B 33 -12.99 -2.55 -0.97
N ASN B 34 -14.12 -1.85 -0.89
CA ASN B 34 -15.46 -2.48 -1.02
C ASN B 34 -15.79 -2.60 -2.52
N ASP B 35 -17.01 -3.02 -2.85
CA ASP B 35 -17.52 -3.25 -4.23
C ASP B 35 -17.45 -1.99 -5.09
N GLN B 36 -17.50 -0.80 -4.50
CA GLN B 36 -17.47 0.49 -5.23
C GLN B 36 -16.03 1.03 -5.28
N GLY B 37 -15.03 0.27 -4.80
CA GLY B 37 -13.63 0.72 -4.76
C GLY B 37 -13.32 1.61 -3.57
N ASN B 38 -14.23 1.75 -2.59
CA ASN B 38 -14.01 2.67 -1.44
C ASN B 38 -13.32 1.89 -0.32
N ARG B 39 -12.27 2.48 0.24
CA ARG B 39 -11.42 1.88 1.32
C ARG B 39 -12.08 2.06 2.69
N THR B 40 -13.11 2.91 2.79
CA THR B 40 -14.05 2.97 3.94
C THR B 40 -15.51 2.87 3.44
N THR B 41 -16.40 2.39 4.30
CA THR B 41 -17.81 2.06 3.97
C THR B 41 -18.72 2.79 4.95
N PRO B 42 -19.70 3.59 4.50
CA PRO B 42 -20.61 4.27 5.42
C PRO B 42 -21.30 3.28 6.36
N SER B 43 -21.42 3.66 7.63
CA SER B 43 -22.08 2.88 8.70
C SER B 43 -23.59 3.09 8.59
N TYR B 44 -24.17 2.76 7.43
CA TYR B 44 -25.59 3.04 7.07
C TYR B 44 -26.25 1.71 6.73
N VAL B 45 -27.52 1.56 7.11
CA VAL B 45 -28.39 0.43 6.72
C VAL B 45 -29.75 0.99 6.30
N ALA B 46 -30.25 0.63 5.11
CA ALA B 46 -31.54 1.13 4.61
C ALA B 46 -32.45 -0.04 4.27
N PHE B 47 -33.75 0.18 4.44
CA PHE B 47 -34.81 -0.80 4.14
C PHE B 47 -35.77 -0.15 3.14
N THR B 48 -36.04 -0.83 2.03
CA THR B 48 -36.92 -0.34 0.93
C THR B 48 -38.09 -1.33 0.77
N ASP B 49 -38.90 -1.15 -0.26
CA ASP B 49 -40.01 -2.07 -0.63
C ASP B 49 -39.45 -3.46 -0.99
N THR B 50 -38.21 -3.53 -1.49
CA THR B 50 -37.65 -4.78 -2.08
C THR B 50 -36.38 -5.25 -1.36
N GLU B 51 -35.55 -4.37 -0.80
CA GLU B 51 -34.21 -4.81 -0.35
C GLU B 51 -33.73 -4.11 0.94
N ARG B 52 -32.74 -4.77 1.55
CA ARG B 52 -31.91 -4.24 2.67
CA ARG B 52 -31.91 -4.25 2.67
C ARG B 52 -30.56 -3.83 2.07
N LEU B 53 -30.24 -2.54 2.12
CA LEU B 53 -29.01 -1.93 1.58
C LEU B 53 -28.07 -1.64 2.74
N ILE B 54 -26.77 -1.87 2.55
CA ILE B 54 -25.73 -1.62 3.58
C ILE B 54 -24.56 -0.91 2.92
N GLY B 55 -24.10 0.18 3.56
CA GLY B 55 -22.90 0.94 3.16
C GLY B 55 -23.23 1.97 2.12
N ASP B 56 -22.44 2.04 1.05
CA ASP B 56 -22.55 3.10 0.02
C ASP B 56 -23.98 3.14 -0.52
N ALA B 57 -24.55 2.00 -0.86
CA ALA B 57 -25.89 1.95 -1.51
C ALA B 57 -26.95 2.50 -0.53
N ALA B 58 -26.80 2.26 0.78
CA ALA B 58 -27.71 2.82 1.81
C ALA B 58 -27.51 4.34 1.89
N LYS B 59 -26.28 4.81 2.02
CA LYS B 59 -26.02 6.27 2.12
C LYS B 59 -26.52 6.96 0.84
N ASN B 60 -26.37 6.34 -0.32
CA ASN B 60 -26.65 6.99 -1.63
C ASN B 60 -28.15 7.27 -1.79
N GLN B 61 -29.04 6.47 -1.19
CA GLN B 61 -30.51 6.65 -1.31
C GLN B 61 -31.11 7.27 -0.02
N ALA B 62 -30.28 7.79 0.91
CA ALA B 62 -30.75 8.37 2.20
C ALA B 62 -31.77 9.50 1.94
N SER B 63 -31.53 10.38 0.96
CA SER B 63 -32.36 11.59 0.72
C SER B 63 -33.71 11.20 0.11
N ARG B 64 -33.80 10.08 -0.60
CA ARG B 64 -35.06 9.51 -1.16
C ARG B 64 -35.85 8.69 -0.13
N ASN B 65 -35.24 8.29 0.99
CA ASN B 65 -35.83 7.28 1.91
C ASN B 65 -35.39 7.57 3.35
N PRO B 66 -35.53 8.82 3.82
CA PRO B 66 -34.99 9.24 5.12
C PRO B 66 -35.53 8.45 6.32
N GLU B 67 -36.79 8.01 6.28
CA GLU B 67 -37.47 7.37 7.44
C GLU B 67 -36.91 5.96 7.67
N ASN B 68 -36.45 5.30 6.61
CA ASN B 68 -36.06 3.87 6.64
C ASN B 68 -34.54 3.72 6.39
N THR B 69 -33.77 4.80 6.47
CA THR B 69 -32.30 4.80 6.34
C THR B 69 -31.70 5.06 7.71
N VAL B 70 -31.11 4.03 8.31
CA VAL B 70 -30.55 4.09 9.69
C VAL B 70 -29.04 4.37 9.63
N PHE B 71 -28.58 5.30 10.47
CA PHE B 71 -27.17 5.65 10.71
C PHE B 71 -27.04 6.00 12.21
N ASP B 72 -25.83 6.26 12.67
CA ASP B 72 -25.51 6.69 14.05
C ASP B 72 -25.91 5.61 15.07
N ALA B 73 -26.02 4.34 14.67
CA ALA B 73 -26.35 3.25 15.61
C ALA B 73 -25.32 3.20 16.73
N LYS B 74 -24.08 3.62 16.45
CA LYS B 74 -23.00 3.63 17.47
C LYS B 74 -23.36 4.56 18.65
N ARG B 75 -24.21 5.56 18.43
CA ARG B 75 -24.64 6.50 19.49
C ARG B 75 -25.69 5.85 20.40
N LEU B 76 -26.30 4.75 19.97
CA LEU B 76 -27.31 3.98 20.75
C LEU B 76 -26.76 2.69 21.32
N ILE B 77 -25.67 2.15 20.77
CA ILE B 77 -25.31 0.73 21.05
C ILE B 77 -24.95 0.58 22.54
N GLY B 78 -25.55 -0.40 23.21
CA GLY B 78 -25.30 -0.70 24.64
C GLY B 78 -25.92 0.32 25.58
N ARG B 79 -26.81 1.20 25.11
CA ARG B 79 -27.42 2.26 25.96
C ARG B 79 -28.87 1.91 26.24
N LYS B 80 -29.37 2.33 27.39
CA LYS B 80 -30.83 2.34 27.70
C LYS B 80 -31.46 3.51 26.95
N PHE B 81 -32.67 3.32 26.44
CA PHE B 81 -33.44 4.36 25.72
C PHE B 81 -33.63 5.60 26.58
N SER B 82 -33.73 5.43 27.91
CA SER B 82 -34.01 6.52 28.87
C SER B 82 -32.76 7.37 29.15
N GLU B 83 -31.55 6.94 28.77
CA GLU B 83 -30.31 7.74 28.97
C GLU B 83 -30.48 9.11 28.32
N THR B 84 -29.87 10.14 28.91
CA THR B 84 -30.05 11.54 28.47
C THR B 84 -29.45 11.70 27.06
N THR B 85 -28.34 11.00 26.76
CA THR B 85 -27.68 11.12 25.43
C THR B 85 -28.67 10.64 24.37
N VAL B 86 -29.40 9.55 24.61
CA VAL B 86 -30.36 8.98 23.62
C VAL B 86 -31.53 9.96 23.38
N GLN B 87 -32.08 10.50 24.46
CA GLN B 87 -33.25 11.43 24.40
C GLN B 87 -32.87 12.67 23.57
N SER B 88 -31.66 13.17 23.80
CA SER B 88 -31.09 14.34 23.08
C SER B 88 -30.78 13.98 21.62
N ASP B 89 -30.05 12.88 21.39
CA ASP B 89 -29.52 12.51 20.04
C ASP B 89 -30.67 12.25 19.07
N MET B 90 -31.77 11.65 19.54
CA MET B 90 -32.83 11.11 18.63
C MET B 90 -33.60 12.23 17.95
N LYS B 91 -33.53 13.45 18.48
CA LYS B 91 -34.21 14.63 17.88
C LYS B 91 -33.58 14.91 16.50
N HIS B 92 -32.33 14.51 16.29
CA HIS B 92 -31.55 14.82 15.05
C HIS B 92 -31.68 13.71 13.98
N TRP B 93 -32.43 12.65 14.26
CA TRP B 93 -32.57 11.49 13.34
C TRP B 93 -33.94 11.53 12.67
N PRO B 94 -34.00 11.27 11.35
CA PRO B 94 -35.29 11.16 10.66
C PRO B 94 -35.97 9.81 10.90
N PHE B 95 -35.25 8.79 11.38
CA PHE B 95 -35.85 7.46 11.66
C PHE B 95 -36.39 7.48 13.10
N THR B 96 -37.33 6.58 13.38
CA THR B 96 -37.99 6.47 14.70
C THR B 96 -37.22 5.52 15.63
N VAL B 97 -36.99 5.96 16.86
CA VAL B 97 -36.46 5.11 17.97
C VAL B 97 -37.42 5.17 19.18
N LYS B 98 -37.79 4.01 19.72
CA LYS B 98 -38.69 3.83 20.89
C LYS B 98 -38.01 2.88 21.89
N GLY B 99 -38.45 2.92 23.16
CA GLY B 99 -37.93 2.07 24.25
C GLY B 99 -38.64 0.74 24.31
N GLY B 100 -37.90 -0.36 24.39
CA GLY B 100 -38.45 -1.72 24.62
C GLY B 100 -38.77 -1.91 26.09
N SER B 101 -39.45 -3.01 26.46
CA SER B 101 -39.88 -3.26 27.86
C SER B 101 -38.64 -3.56 28.73
N ASP B 102 -37.56 -4.06 28.12
CA ASP B 102 -36.24 -4.25 28.77
C ASP B 102 -35.45 -2.92 28.82
N GLY B 103 -35.98 -1.82 28.30
CA GLY B 103 -35.28 -0.51 28.28
C GLY B 103 -34.32 -0.35 27.09
N LYS B 104 -34.17 -1.35 26.21
CA LYS B 104 -33.28 -1.28 25.01
C LYS B 104 -33.93 -0.43 23.91
N PRO B 105 -33.17 0.47 23.23
CA PRO B 105 -33.69 1.15 22.05
C PRO B 105 -34.10 0.15 20.98
N MET B 106 -35.22 0.45 20.31
CA MET B 106 -35.78 -0.30 19.17
C MET B 106 -35.87 0.73 18.04
N ILE B 107 -35.13 0.51 16.95
CA ILE B 107 -35.15 1.36 15.73
C ILE B 107 -36.25 0.81 14.85
N GLU B 108 -37.24 1.63 14.53
CA GLU B 108 -38.45 1.25 13.78
C GLU B 108 -38.31 1.72 12.33
N VAL B 109 -38.55 0.81 11.40
CA VAL B 109 -38.49 1.09 9.94
C VAL B 109 -39.63 0.33 9.29
N SER B 110 -39.92 0.67 8.04
CA SER B 110 -40.71 -0.16 7.11
C SER B 110 -39.76 -0.89 6.15
N TYR B 111 -39.98 -2.17 5.96
CA TYR B 111 -39.22 -3.09 5.07
C TYR B 111 -40.21 -3.99 4.34
N GLN B 112 -40.28 -3.89 3.01
CA GLN B 112 -41.21 -4.72 2.18
C GLN B 112 -42.65 -4.55 2.70
N GLY B 113 -43.06 -3.31 2.98
CA GLY B 113 -44.44 -2.97 3.37
C GLY B 113 -44.80 -3.43 4.77
N GLU B 114 -43.81 -3.79 5.60
CA GLU B 114 -44.05 -4.23 6.99
C GLU B 114 -43.23 -3.39 7.97
N LYS B 115 -43.81 -3.05 9.12
CA LYS B 115 -43.12 -2.41 10.27
C LYS B 115 -42.13 -3.42 10.89
N LYS B 116 -40.86 -3.04 10.97
CA LYS B 116 -39.79 -3.87 11.60
C LYS B 116 -39.12 -3.05 12.70
N THR B 117 -38.62 -3.72 13.74
CA THR B 117 -37.87 -3.09 14.87
C THR B 117 -36.51 -3.79 15.01
N PHE B 118 -35.47 -3.02 15.32
CA PHE B 118 -34.08 -3.52 15.41
C PHE B 118 -33.40 -2.92 16.62
N HIS B 119 -32.68 -3.74 17.36
CA HIS B 119 -31.78 -3.25 18.44
C HIS B 119 -30.58 -2.59 17.76
N PRO B 120 -29.94 -1.58 18.40
CA PRO B 120 -28.73 -0.97 17.86
C PRO B 120 -27.65 -1.99 17.45
N GLU B 121 -27.45 -3.06 18.23
CA GLU B 121 -26.44 -4.10 17.95
C GLU B 121 -26.83 -4.90 16.70
N GLU B 122 -28.11 -4.93 16.32
CA GLU B 122 -28.54 -5.61 15.08
C GLU B 122 -28.16 -4.73 13.89
N ILE B 123 -28.35 -3.42 14.01
CA ILE B 123 -27.95 -2.50 12.91
C ILE B 123 -26.40 -2.57 12.76
N SER B 124 -25.68 -2.51 13.88
CA SER B 124 -24.20 -2.60 13.87
C SER B 124 -23.74 -3.97 13.35
N SER B 125 -24.45 -5.05 13.66
CA SER B 125 -24.16 -6.40 13.12
C SER B 125 -24.25 -6.39 11.59
N MET B 126 -25.18 -5.64 11.00
CA MET B 126 -25.33 -5.64 9.52
C MET B 126 -24.14 -4.89 8.89
N VAL B 127 -23.65 -3.84 9.54
CA VAL B 127 -22.44 -3.11 9.07
C VAL B 127 -21.23 -4.06 9.20
N LEU B 128 -21.09 -4.73 10.34
CA LEU B 128 -19.96 -5.66 10.58
C LEU B 128 -19.98 -6.78 9.54
N LYS B 129 -21.16 -7.30 9.21
CA LYS B 129 -21.34 -8.42 8.26
C LYS B 129 -20.90 -7.95 6.87
N LYS B 130 -21.25 -6.72 6.50
CA LYS B 130 -20.78 -6.11 5.23
C LYS B 130 -19.24 -6.04 5.23
N MET B 131 -18.62 -5.63 6.33
CA MET B 131 -17.13 -5.47 6.37
C MET B 131 -16.49 -6.87 6.31
N LYS B 132 -17.06 -7.87 6.98
CA LYS B 132 -16.69 -9.31 6.84
C LYS B 132 -16.76 -9.75 5.36
N GLU B 133 -17.84 -9.44 4.65
CA GLU B 133 -18.05 -9.82 3.24
C GLU B 133 -17.05 -9.07 2.35
N VAL B 134 -16.72 -7.83 2.67
CA VAL B 134 -15.72 -7.07 1.88
C VAL B 134 -14.38 -7.86 1.93
N ALA B 135 -13.96 -8.30 3.11
CA ALA B 135 -12.72 -9.08 3.31
C ALA B 135 -12.83 -10.43 2.58
N GLU B 136 -14.01 -11.06 2.63
CA GLU B 136 -14.25 -12.42 2.07
C GLU B 136 -14.18 -12.39 0.56
N THR B 137 -14.76 -11.37 -0.08
CA THR B 137 -14.68 -11.11 -1.54
C THR B 137 -13.20 -10.98 -1.95
N TYR B 138 -12.41 -10.25 -1.19
CA TYR B 138 -10.99 -10.02 -1.50
C TYR B 138 -10.24 -11.35 -1.35
N LEU B 139 -10.47 -12.07 -0.24
CA LEU B 139 -9.69 -13.29 0.10
C LEU B 139 -10.16 -14.50 -0.72
N GLY B 140 -11.41 -14.48 -1.22
CA GLY B 140 -12.11 -15.62 -1.85
C GLY B 140 -12.27 -16.79 -0.89
N LYS B 141 -12.22 -16.55 0.42
CA LYS B 141 -12.29 -17.57 1.49
C LYS B 141 -13.05 -16.98 2.67
N PRO B 142 -13.72 -17.81 3.50
CA PRO B 142 -14.44 -17.32 4.66
C PRO B 142 -13.50 -16.69 5.69
N VAL B 143 -14.01 -15.72 6.44
CA VAL B 143 -13.32 -15.06 7.58
C VAL B 143 -14.16 -15.30 8.82
N LYS B 144 -13.56 -15.75 9.92
CA LYS B 144 -14.29 -16.04 11.18
C LYS B 144 -13.80 -15.12 12.30
N ASN B 145 -12.51 -14.77 12.33
CA ASN B 145 -11.89 -14.12 13.50
C ASN B 145 -11.72 -12.63 13.22
N ALA B 146 -11.94 -11.80 14.24
CA ALA B 146 -11.83 -10.34 14.09
C ALA B 146 -11.44 -9.68 15.41
N VAL B 147 -10.71 -8.59 15.28
CA VAL B 147 -10.60 -7.55 16.33
C VAL B 147 -11.48 -6.38 15.91
N ILE B 148 -12.31 -5.92 16.85
CA ILE B 148 -13.20 -4.74 16.64
C ILE B 148 -12.78 -3.69 17.65
N THR B 149 -12.74 -2.45 17.18
CA THR B 149 -12.35 -1.27 17.97
C THR B 149 -13.60 -0.57 18.51
N VAL B 150 -13.42 0.09 19.66
CA VAL B 150 -14.43 0.98 20.28
C VAL B 150 -13.71 2.20 20.85
N PRO B 151 -14.45 3.30 21.08
CA PRO B 151 -13.88 4.46 21.76
C PRO B 151 -13.47 4.06 23.18
N ALA B 152 -12.38 4.67 23.68
CA ALA B 152 -11.81 4.43 25.03
C ALA B 152 -12.87 4.70 26.12
N TYR B 153 -13.82 5.61 25.91
CA TYR B 153 -14.86 6.00 26.89
C TYR B 153 -16.02 4.97 26.93
N PHE B 154 -16.04 3.99 26.03
CA PHE B 154 -17.13 2.98 26.02
C PHE B 154 -17.13 2.23 27.36
N ASN B 155 -18.31 2.00 27.92
CA ASN B 155 -18.50 1.29 29.21
C ASN B 155 -18.67 -0.20 28.90
N ASP B 156 -18.82 -1.01 29.94
CA ASP B 156 -18.94 -2.49 29.82
C ASP B 156 -20.15 -2.84 28.95
N SER B 157 -21.28 -2.15 29.10
CA SER B 157 -22.51 -2.42 28.31
C SER B 157 -22.25 -2.15 26.82
N GLN B 158 -21.59 -1.05 26.47
CA GLN B 158 -21.31 -0.64 25.07
C GLN B 158 -20.31 -1.64 24.45
N ARG B 159 -19.34 -2.11 25.25
CA ARG B 159 -18.34 -3.08 24.76
C ARG B 159 -19.03 -4.40 24.49
N GLN B 160 -19.86 -4.85 25.44
CA GLN B 160 -20.55 -6.16 25.32
C GLN B 160 -21.50 -6.09 24.10
N ALA B 161 -22.23 -5.00 23.91
CA ALA B 161 -23.19 -4.85 22.79
C ALA B 161 -22.42 -4.88 21.43
N THR B 162 -21.25 -4.27 21.37
CA THR B 162 -20.35 -4.33 20.17
C THR B 162 -19.91 -5.77 19.95
N LYS B 163 -19.54 -6.51 21.01
CA LYS B 163 -19.16 -7.95 20.92
C LYS B 163 -20.35 -8.74 20.38
N ASP B 164 -21.55 -8.49 20.91
CA ASP B 164 -22.79 -9.18 20.49
C ASP B 164 -23.05 -8.86 19.01
N ALA B 165 -22.86 -7.61 18.58
CA ALA B 165 -22.97 -7.23 17.14
C ALA B 165 -22.07 -8.14 16.30
N GLY B 166 -20.84 -8.38 16.76
CA GLY B 166 -19.88 -9.23 16.04
C GLY B 166 -20.38 -10.66 15.98
N ALA B 167 -20.88 -11.20 17.10
CA ALA B 167 -21.38 -12.60 17.19
C ALA B 167 -22.56 -12.73 16.24
N ILE B 168 -23.44 -11.73 16.20
CA ILE B 168 -24.64 -11.77 15.30
C ILE B 168 -24.16 -11.76 13.85
N ALA B 169 -23.07 -11.03 13.52
CA ALA B 169 -22.52 -10.96 12.15
C ALA B 169 -21.79 -12.28 11.76
N GLY B 170 -21.60 -13.21 12.69
CA GLY B 170 -20.92 -14.50 12.40
C GLY B 170 -19.42 -14.41 12.65
N LEU B 171 -18.98 -13.42 13.43
CA LEU B 171 -17.54 -13.26 13.75
C LEU B 171 -17.25 -13.85 15.12
N ASN B 172 -16.10 -14.49 15.23
CA ASN B 172 -15.45 -14.81 16.53
C ASN B 172 -14.63 -13.58 16.93
N VAL B 173 -15.07 -12.85 17.92
CA VAL B 173 -14.40 -11.58 18.32
C VAL B 173 -13.26 -11.92 19.28
N LEU B 174 -12.03 -11.92 18.75
CA LEU B 174 -10.81 -12.26 19.52
C LEU B 174 -10.66 -11.25 20.64
N ARG B 175 -10.95 -9.99 20.34
CA ARG B 175 -10.80 -8.92 21.35
C ARG B 175 -11.46 -7.64 20.86
N ILE B 176 -12.01 -6.90 21.82
CA ILE B 176 -12.40 -5.48 21.67
C ILE B 176 -11.24 -4.64 22.19
N ILE B 177 -10.71 -3.73 21.38
CA ILE B 177 -9.59 -2.85 21.80
C ILE B 177 -9.99 -1.41 21.53
N ASN B 178 -9.33 -0.48 22.25
CA ASN B 178 -9.61 0.97 22.18
C ASN B 178 -9.08 1.55 20.86
N GLU B 179 -9.88 2.41 20.24
CA GLU B 179 -9.53 3.14 19.00
C GLU B 179 -8.17 3.82 19.10
N PRO B 180 -7.90 4.64 20.14
CA PRO B 180 -6.62 5.35 20.21
C PRO B 180 -5.44 4.39 20.31
N THR B 181 -5.60 3.30 21.04
CA THR B 181 -4.57 2.24 21.19
C THR B 181 -4.31 1.59 19.82
N ALA B 182 -5.37 1.27 19.06
CA ALA B 182 -5.25 0.70 17.70
C ALA B 182 -4.41 1.63 16.83
N ALA B 183 -4.66 2.93 16.88
CA ALA B 183 -3.90 3.91 16.07
C ALA B 183 -2.42 3.87 16.45
N ALA B 184 -2.11 3.77 17.74
CA ALA B 184 -0.72 3.74 18.27
C ALA B 184 -0.02 2.47 17.78
N ILE B 185 -0.70 1.33 17.84
CA ILE B 185 -0.23 0.02 17.32
C ILE B 185 0.09 0.14 15.81
N ALA B 186 -0.76 0.80 15.02
CA ALA B 186 -0.58 0.98 13.56
C ALA B 186 0.79 1.60 13.27
N TYR B 187 1.21 2.57 14.08
CA TYR B 187 2.46 3.35 13.87
C TYR B 187 3.67 2.66 14.54
N GLY B 188 3.49 1.48 15.12
CA GLY B 188 4.55 0.69 15.79
C GLY B 188 5.12 1.42 17.00
N LEU B 189 4.33 2.21 17.71
CA LEU B 189 4.85 3.09 18.80
C LEU B 189 5.15 2.24 20.04
N ASP B 190 4.62 1.02 20.12
CA ASP B 190 5.00 0.03 21.16
C ASP B 190 6.35 -0.61 20.79
N LYS B 191 6.67 -0.80 19.51
CA LYS B 191 7.87 -1.56 19.07
C LYS B 191 9.06 -0.60 18.87
N LYS B 192 9.17 0.42 19.72
CA LYS B 192 10.27 1.42 19.75
C LYS B 192 10.83 1.53 21.18
N GLY B 195 12.18 3.16 26.25
CA GLY B 195 11.66 3.70 27.53
C GLY B 195 10.19 4.05 27.45
N GLU B 196 9.70 4.83 28.42
CA GLU B 196 8.29 5.30 28.51
C GLU B 196 8.06 6.38 27.46
N GLN B 197 6.91 6.31 26.78
CA GLN B 197 6.54 7.19 25.64
C GLN B 197 5.13 7.74 25.91
N ASN B 198 4.97 9.06 25.78
CA ASN B 198 3.68 9.77 25.85
C ASN B 198 3.19 10.01 24.42
N ILE B 199 2.04 9.43 24.07
CA ILE B 199 1.42 9.49 22.70
C ILE B 199 0.09 10.24 22.81
N LEU B 200 -0.07 11.36 22.09
CA LEU B 200 -1.38 12.02 21.91
C LEU B 200 -2.03 11.57 20.59
N ILE B 201 -3.22 10.98 20.69
CA ILE B 201 -4.08 10.61 19.52
C ILE B 201 -5.09 11.74 19.34
N PHE B 202 -5.03 12.42 18.21
CA PHE B 202 -6.00 13.46 17.81
C PHE B 202 -6.90 12.85 16.71
N ASP B 203 -8.15 12.54 17.04
CA ASP B 203 -9.04 11.71 16.19
C ASP B 203 -10.30 12.52 15.89
N LEU B 204 -10.39 13.04 14.67
CA LEU B 204 -11.54 13.87 14.24
C LEU B 204 -12.17 13.21 13.02
N GLY B 205 -13.32 12.58 13.22
CA GLY B 205 -13.99 11.80 12.18
C GLY B 205 -15.14 12.54 11.56
N GLY B 206 -16.21 11.80 11.23
CA GLY B 206 -17.45 12.37 10.66
C GLY B 206 -18.39 12.89 11.72
N GLY B 207 -18.48 12.24 12.88
CA GLY B 207 -19.46 12.59 13.91
C GLY B 207 -18.85 13.05 15.23
N THR B 208 -17.62 12.62 15.53
CA THR B 208 -17.04 12.75 16.89
C THR B 208 -15.57 13.18 16.83
N PHE B 209 -15.15 13.76 17.95
CA PHE B 209 -13.78 14.22 18.20
C PHE B 209 -13.32 13.61 19.52
N ASP B 210 -12.23 12.85 19.45
CA ASP B 210 -11.63 12.13 20.61
C ASP B 210 -10.15 12.46 20.69
N VAL B 211 -9.69 12.97 21.83
CA VAL B 211 -8.27 13.21 22.09
C VAL B 211 -7.93 12.29 23.25
N SER B 212 -6.88 11.50 23.07
CA SER B 212 -6.45 10.50 24.07
C SER B 212 -4.96 10.67 24.31
N LEU B 213 -4.55 10.73 25.58
CA LEU B 213 -3.11 10.66 25.95
CA LEU B 213 -3.10 10.66 25.93
C LEU B 213 -2.81 9.28 26.52
N LEU B 214 -1.95 8.54 25.83
CA LEU B 214 -1.53 7.16 26.15
C LEU B 214 -0.09 7.24 26.64
N THR B 215 0.26 6.29 27.51
CA THR B 215 1.64 6.04 27.97
C THR B 215 1.95 4.58 27.68
N LEU B 216 3.23 4.28 27.43
CA LEU B 216 3.76 2.91 27.26
C LEU B 216 4.31 2.35 28.59
N GLU B 217 3.42 1.77 29.40
CA GLU B 217 3.74 1.19 30.73
C GLU B 217 3.97 -0.34 30.62
N ASP B 218 5.24 -0.78 30.66
CA ASP B 218 5.69 -2.18 30.54
C ASP B 218 5.33 -2.74 29.16
N GLY B 219 5.70 -2.03 28.08
CA GLY B 219 5.51 -2.46 26.67
C GLY B 219 4.04 -2.55 26.27
N ILE B 220 3.14 -2.04 27.11
CA ILE B 220 1.66 -2.09 26.95
C ILE B 220 1.18 -0.64 27.04
N PHE B 221 0.14 -0.29 26.29
CA PHE B 221 -0.42 1.08 26.25
C PHE B 221 -1.41 1.24 27.42
N GLU B 222 -1.38 2.38 28.09
CA GLU B 222 -2.38 2.73 29.14
C GLU B 222 -2.96 4.09 28.77
N VAL B 223 -4.28 4.18 28.85
CA VAL B 223 -5.06 5.40 28.52
C VAL B 223 -5.03 6.28 29.77
N LYS B 224 -4.26 7.36 29.74
CA LYS B 224 -4.03 8.20 30.93
C LYS B 224 -5.15 9.24 31.02
N ALA B 225 -5.59 9.78 29.91
CA ALA B 225 -6.63 10.82 29.87
C ALA B 225 -7.32 10.82 28.52
N THR B 226 -8.60 11.19 28.49
CA THR B 226 -9.39 11.34 27.25
C THR B 226 -10.26 12.58 27.40
N SER B 227 -10.50 13.24 26.29
CA SER B 227 -11.50 14.33 26.18
C SER B 227 -11.88 14.44 24.71
N GLY B 228 -12.76 15.38 24.41
CA GLY B 228 -13.15 15.73 23.04
C GLY B 228 -14.59 16.17 23.07
N ASP B 229 -15.34 15.85 22.02
CA ASP B 229 -16.71 16.36 21.81
C ASP B 229 -17.43 15.30 20.96
N THR B 230 -18.42 14.63 21.53
CA THR B 230 -19.17 13.55 20.83
C THR B 230 -20.03 14.16 19.73
N HIS B 231 -20.06 15.49 19.60
CA HIS B 231 -20.88 16.17 18.56
C HIS B 231 -20.07 17.20 17.77
N LEU B 232 -18.78 16.95 17.56
CA LEU B 232 -17.95 17.70 16.60
C LEU B 232 -17.28 16.70 15.66
N GLY B 233 -17.55 16.84 14.36
CA GLY B 233 -16.85 16.10 13.30
C GLY B 233 -17.09 16.74 11.94
N GLY B 234 -16.70 16.02 10.88
CA GLY B 234 -16.80 16.51 9.50
C GLY B 234 -18.20 16.96 9.15
N GLU B 235 -19.23 16.30 9.70
CA GLU B 235 -20.64 16.64 9.36
C GLU B 235 -20.91 18.10 9.79
N ASP B 236 -20.26 18.61 10.85
CA ASP B 236 -20.44 19.99 11.37
C ASP B 236 -19.79 20.98 10.39
N PHE B 237 -18.71 20.58 9.71
CA PHE B 237 -18.01 21.43 8.71
C PHE B 237 -18.84 21.45 7.43
N ASP B 238 -19.45 20.32 7.08
CA ASP B 238 -20.41 20.26 5.95
C ASP B 238 -21.56 21.23 6.22
N ASN B 239 -22.08 21.24 7.46
CA ASN B 239 -23.25 22.06 7.86
C ASN B 239 -22.92 23.54 7.73
N LYS B 240 -21.66 23.92 7.99
CA LYS B 240 -21.18 25.31 7.81
C LYS B 240 -21.28 25.71 6.34
N LEU B 241 -20.93 24.80 5.42
CA LEU B 241 -21.03 25.08 3.96
C LEU B 241 -22.51 25.10 3.55
N VAL B 242 -23.34 24.21 4.10
CA VAL B 242 -24.79 24.16 3.77
C VAL B 242 -25.42 25.51 4.16
N ASN B 243 -25.22 25.96 5.40
CA ASN B 243 -25.80 27.22 5.95
C ASN B 243 -25.37 28.40 5.08
N PHE B 244 -24.10 28.45 4.64
CA PHE B 244 -23.58 29.50 3.73
C PHE B 244 -24.34 29.47 2.39
N CYS B 245 -24.47 28.29 1.79
CA CYS B 245 -25.05 28.11 0.43
C CYS B 245 -26.54 28.49 0.48
N VAL B 246 -27.23 28.14 1.57
CA VAL B 246 -28.67 28.47 1.81
C VAL B 246 -28.84 29.98 1.77
N GLN B 247 -27.93 30.70 2.43
CA GLN B 247 -27.94 32.19 2.54
C GLN B 247 -27.54 32.78 1.18
N ASP B 248 -26.61 32.14 0.48
CA ASP B 248 -26.13 32.58 -0.86
C ASP B 248 -27.25 32.43 -1.89
N PHE B 249 -28.05 31.37 -1.80
CA PHE B 249 -29.23 31.12 -2.67
C PHE B 249 -30.27 32.22 -2.44
N LYS B 250 -30.53 32.59 -1.17
CA LYS B 250 -31.42 33.71 -0.77
C LYS B 250 -30.98 34.99 -1.49
N LYS B 251 -29.69 35.37 -1.41
CA LYS B 251 -29.12 36.60 -2.03
C LYS B 251 -29.16 36.54 -3.57
N LYS B 252 -29.32 35.35 -4.17
CA LYS B 252 -29.36 35.20 -5.65
C LYS B 252 -30.81 35.18 -6.14
N ASN B 253 -31.77 34.72 -5.32
CA ASN B 253 -33.13 34.28 -5.75
C ASN B 253 -34.21 34.75 -4.74
N GLY B 254 -34.03 35.91 -4.09
CA GLY B 254 -35.05 36.51 -3.18
C GLY B 254 -34.62 36.46 -1.72
N LYS B 256 -35.95 33.25 -1.41
CA LYS B 256 -36.39 31.83 -1.34
C LYS B 256 -35.50 31.09 -0.32
N ASP B 257 -36.12 30.24 0.51
CA ASP B 257 -35.47 29.54 1.64
C ASP B 257 -35.41 28.03 1.35
N VAL B 258 -34.25 27.56 0.89
CA VAL B 258 -33.93 26.13 0.62
C VAL B 258 -34.16 25.29 1.90
N SER B 259 -33.94 25.88 3.09
CA SER B 259 -34.04 25.22 4.42
C SER B 259 -35.43 24.64 4.66
N LYS B 260 -36.47 25.17 4.01
CA LYS B 260 -37.88 24.73 4.26
C LYS B 260 -38.16 23.44 3.46
N ASN B 261 -37.26 23.03 2.57
CA ASN B 261 -37.32 21.71 1.87
C ASN B 261 -36.17 20.82 2.39
N SER B 262 -36.49 19.77 3.15
CA SER B 262 -35.44 18.90 3.78
C SER B 262 -34.74 18.07 2.68
N LYS B 263 -35.42 17.71 1.58
CA LYS B 263 -34.79 17.03 0.42
C LYS B 263 -33.79 17.97 -0.27
N SER B 264 -34.13 19.25 -0.43
CA SER B 264 -33.23 20.28 -1.03
C SER B 264 -31.98 20.42 -0.16
N LEU B 265 -32.14 20.42 1.16
CA LEU B 265 -30.98 20.51 2.11
C LEU B 265 -30.08 19.27 1.94
N ARG B 266 -30.66 18.08 1.85
CA ARG B 266 -29.89 16.79 1.78
C ARG B 266 -29.07 16.75 0.49
N ARG B 267 -29.66 17.16 -0.63
CA ARG B 267 -28.97 17.25 -1.95
C ARG B 267 -27.84 18.27 -1.89
N LEU B 268 -28.08 19.38 -1.22
CA LEU B 268 -27.04 20.44 -1.05
C LEU B 268 -25.91 19.91 -0.14
N ARG B 269 -26.28 19.22 0.95
CA ARG B 269 -25.32 18.66 1.95
C ARG B 269 -24.37 17.68 1.24
N THR B 270 -24.92 16.78 0.42
CA THR B 270 -24.14 15.79 -0.38
C THR B 270 -23.04 16.55 -1.14
N GLN B 271 -23.39 17.61 -1.86
CA GLN B 271 -22.41 18.35 -2.70
C GLN B 271 -21.45 19.17 -1.82
N CYS B 272 -21.87 19.65 -0.64
CA CYS B 272 -20.98 20.44 0.25
C CYS B 272 -19.87 19.53 0.78
N GLU B 273 -20.23 18.30 1.16
CA GLU B 273 -19.25 17.29 1.67
CA GLU B 273 -19.26 17.28 1.67
C GLU B 273 -18.22 17.01 0.58
N LYS B 274 -18.65 16.91 -0.69
CA LYS B 274 -17.69 16.62 -1.81
C LYS B 274 -16.72 17.80 -1.94
N ALA B 275 -17.22 19.03 -1.99
CA ALA B 275 -16.40 20.26 -2.12
C ALA B 275 -15.40 20.36 -0.96
N LYS B 276 -15.84 20.08 0.28
CA LYS B 276 -14.97 20.06 1.48
C LYS B 276 -13.76 19.17 1.23
N ARG B 277 -13.98 17.94 0.75
CA ARG B 277 -12.85 17.00 0.51
C ARG B 277 -11.89 17.61 -0.51
N VAL B 278 -12.39 18.16 -1.61
CA VAL B 278 -11.55 18.77 -2.69
C VAL B 278 -10.65 19.85 -2.07
N LEU B 279 -11.22 20.69 -1.20
CA LEU B 279 -10.52 21.84 -0.56
C LEU B 279 -9.39 21.37 0.35
N SER B 280 -9.26 20.07 0.65
CA SER B 280 -8.10 19.54 1.42
C SER B 280 -6.88 19.43 0.51
N SER B 281 -7.04 19.43 -0.82
CA SER B 281 -5.87 19.32 -1.75
C SER B 281 -5.89 20.38 -2.85
N SER B 282 -6.92 21.21 -2.97
CA SER B 282 -7.01 22.35 -3.92
C SER B 282 -7.36 23.64 -3.18
N ALA B 283 -7.09 24.79 -3.82
CA ALA B 283 -7.33 26.14 -3.27
C ALA B 283 -8.80 26.50 -3.41
N GLN B 284 -9.50 25.82 -4.32
CA GLN B 284 -10.90 26.13 -4.73
C GLN B 284 -11.67 24.86 -5.07
N ALA B 285 -13.00 24.94 -5.02
CA ALA B 285 -13.95 23.87 -5.39
C ALA B 285 -15.28 24.50 -5.78
N THR B 286 -16.07 23.79 -6.58
CA THR B 286 -17.41 24.21 -7.02
C THR B 286 -18.47 23.38 -6.31
N ILE B 287 -19.50 24.03 -5.77
CA ILE B 287 -20.74 23.37 -5.29
C ILE B 287 -21.79 23.66 -6.36
N GLU B 288 -22.43 22.60 -6.88
CA GLU B 288 -23.42 22.68 -7.98
C GLU B 288 -24.58 21.74 -7.73
N VAL B 289 -25.83 22.21 -7.81
CA VAL B 289 -27.06 21.39 -7.68
C VAL B 289 -28.06 21.89 -8.73
N ASP B 290 -28.36 21.06 -9.72
CA ASP B 290 -29.38 21.35 -10.77
C ASP B 290 -30.75 21.28 -10.10
N SER B 291 -31.63 22.23 -10.38
CA SER B 291 -33.02 22.27 -9.86
C SER B 291 -33.03 22.02 -8.34
N LEU B 292 -32.39 22.89 -7.57
CA LEU B 292 -32.18 22.71 -6.10
C LEU B 292 -33.50 22.91 -5.33
N PHE B 293 -34.27 23.99 -5.60
CA PHE B 293 -35.49 24.31 -4.81
C PHE B 293 -36.74 24.49 -5.71
N ASP B 294 -37.00 25.65 -6.29
CA ASP B 294 -38.20 25.90 -7.13
C ASP B 294 -37.75 25.80 -8.58
N GLY B 295 -37.26 24.62 -8.98
CA GLY B 295 -36.66 24.38 -10.30
C GLY B 295 -35.46 25.26 -10.58
N ILE B 296 -34.88 25.95 -9.58
CA ILE B 296 -33.74 26.89 -9.80
C ILE B 296 -32.43 26.11 -9.65
N ASP B 297 -31.53 26.26 -10.63
CA ASP B 297 -30.16 25.68 -10.61
C ASP B 297 -29.30 26.49 -9.65
N TYR B 298 -28.41 25.85 -8.89
CA TYR B 298 -27.48 26.53 -7.96
C TYR B 298 -26.03 26.16 -8.31
N ASN B 299 -25.16 27.18 -8.25
CA ASN B 299 -23.71 27.07 -8.54
C ASN B 299 -22.99 28.10 -7.68
N VAL B 300 -21.86 27.75 -7.07
CA VAL B 300 -21.00 28.70 -6.29
C VAL B 300 -19.58 28.15 -6.23
N ASN B 301 -18.59 29.03 -6.17
CA ASN B 301 -17.16 28.69 -6.02
C ASN B 301 -16.74 29.00 -4.58
N ILE B 302 -16.13 28.02 -3.91
CA ILE B 302 -15.70 28.13 -2.49
C ILE B 302 -14.17 28.03 -2.48
N THR B 303 -13.50 29.04 -1.97
CA THR B 303 -12.03 29.00 -1.72
C THR B 303 -11.80 28.28 -0.39
N ARG B 304 -10.61 27.71 -0.23
CA ARG B 304 -10.17 27.10 1.03
C ARG B 304 -10.24 28.15 2.16
N ALA B 305 -9.88 29.41 1.85
CA ALA B 305 -9.91 30.56 2.78
C ALA B 305 -11.33 30.78 3.31
N LYS B 306 -12.36 30.70 2.45
CA LYS B 306 -13.77 30.93 2.88
C LYS B 306 -14.23 29.77 3.79
N PHE B 307 -13.86 28.54 3.43
CA PHE B 307 -14.14 27.32 4.24
C PHE B 307 -13.52 27.52 5.62
N GLU B 308 -12.25 27.92 5.66
CA GLU B 308 -11.45 28.11 6.90
C GLU B 308 -12.13 29.16 7.79
N GLU B 309 -12.71 30.19 7.16
CA GLU B 309 -13.40 31.31 7.85
C GLU B 309 -14.68 30.76 8.48
N LEU B 310 -15.51 30.05 7.71
CA LEU B 310 -16.79 29.48 8.21
C LEU B 310 -16.53 28.55 9.42
N CYS B 311 -15.39 27.85 9.46
CA CYS B 311 -15.08 26.77 10.44
C CYS B 311 -14.03 27.22 11.48
N MET B 312 -13.64 28.50 11.42
CA MET B 312 -12.52 29.10 12.19
C MET B 312 -12.62 28.74 13.69
N ASP B 313 -13.78 28.96 14.32
CA ASP B 313 -13.98 28.77 15.79
C ASP B 313 -13.86 27.26 16.08
N GLN B 314 -14.55 26.46 15.28
CA GLN B 314 -14.63 24.99 15.47
C GLN B 314 -13.22 24.41 15.36
N PHE B 315 -12.42 24.87 14.39
CA PHE B 315 -11.04 24.37 14.14
C PHE B 315 -10.16 24.70 15.35
N ARG B 316 -10.13 25.99 15.73
CA ARG B 316 -9.29 26.50 16.85
C ARG B 316 -9.67 25.76 18.14
N ASN B 317 -10.96 25.57 18.41
CA ASN B 317 -11.46 24.96 19.66
C ASN B 317 -11.05 23.50 19.76
N THR B 318 -10.53 22.86 18.71
CA THR B 318 -10.06 21.45 18.80
C THR B 318 -8.87 21.37 19.75
N LEU B 319 -8.13 22.48 19.93
CA LEU B 319 -6.97 22.55 20.85
C LEU B 319 -7.41 22.51 22.32
N ILE B 320 -8.64 22.87 22.63
CA ILE B 320 -9.10 22.96 24.05
C ILE B 320 -9.06 21.56 24.67
N PRO B 321 -9.67 20.51 24.06
CA PRO B 321 -9.53 19.16 24.61
C PRO B 321 -8.08 18.66 24.64
N VAL B 322 -7.20 19.16 23.76
CA VAL B 322 -5.75 18.80 23.79
C VAL B 322 -5.16 19.32 25.12
N GLU B 323 -5.39 20.60 25.44
CA GLU B 323 -4.95 21.25 26.70
C GLU B 323 -5.52 20.47 27.89
N LYS B 324 -6.79 20.07 27.83
CA LYS B 324 -7.48 19.38 28.95
C LYS B 324 -6.90 17.97 29.20
N VAL B 325 -6.59 17.17 28.17
CA VAL B 325 -5.97 15.82 28.42
C VAL B 325 -4.54 15.99 28.91
N LEU B 326 -3.80 17.01 28.46
CA LEU B 326 -2.42 17.24 28.99
C LEU B 326 -2.52 17.61 30.49
N LYS B 327 -3.43 18.50 30.84
CA LYS B 327 -3.72 18.86 32.26
C LYS B 327 -4.08 17.59 33.04
N ASP B 328 -5.08 16.81 32.62
CA ASP B 328 -5.55 15.60 33.36
C ASP B 328 -4.39 14.61 33.51
N ALA B 329 -3.54 14.45 32.50
CA ALA B 329 -2.40 13.52 32.53
C ALA B 329 -1.20 14.18 33.24
N LYS B 330 -1.37 15.40 33.76
CA LYS B 330 -0.33 16.12 34.53
C LYS B 330 0.96 16.20 33.69
N MET B 331 0.89 16.67 32.44
CA MET B 331 2.17 16.86 31.70
C MET B 331 2.09 18.07 30.77
N ASP B 332 3.26 18.55 30.39
CA ASP B 332 3.47 19.66 29.43
C ASP B 332 3.45 19.07 28.00
N LYS B 333 3.04 19.89 27.04
CA LYS B 333 3.01 19.53 25.61
C LYS B 333 4.39 19.08 25.14
N SER B 334 5.46 19.59 25.74
CA SER B 334 6.87 19.27 25.38
C SER B 334 7.21 17.81 25.72
N GLN B 335 6.42 17.17 26.60
CA GLN B 335 6.66 15.76 27.03
C GLN B 335 5.99 14.77 26.06
N VAL B 336 5.20 15.25 25.08
CA VAL B 336 4.51 14.38 24.08
C VAL B 336 5.53 13.97 23.02
N HIS B 337 5.83 12.67 22.94
CA HIS B 337 6.80 12.04 22.01
C HIS B 337 6.22 11.96 20.59
N GLU B 338 4.92 11.67 20.43
CA GLU B 338 4.26 11.47 19.10
C GLU B 338 2.85 12.04 19.15
N ILE B 339 2.49 12.79 18.11
CA ILE B 339 1.12 13.29 17.81
C ILE B 339 0.59 12.49 16.61
N VAL B 340 -0.40 11.63 16.82
CA VAL B 340 -0.95 10.76 15.75
C VAL B 340 -2.26 11.37 15.26
N LEU B 341 -2.34 11.69 13.96
CA LEU B 341 -3.58 12.18 13.32
C LEU B 341 -4.43 10.99 12.87
N VAL B 342 -5.66 10.91 13.37
CA VAL B 342 -6.63 9.82 13.07
C VAL B 342 -7.94 10.49 12.68
N GLY B 343 -8.70 9.84 11.80
CA GLY B 343 -10.02 10.36 11.38
C GLY B 343 -9.91 11.16 10.10
N GLY B 344 -10.89 11.01 9.21
CA GLY B 344 -10.92 11.61 7.87
C GLY B 344 -10.81 13.13 7.89
N SER B 345 -11.31 13.79 8.94
CA SER B 345 -11.29 15.28 9.03
C SER B 345 -9.86 15.78 9.27
N THR B 346 -8.93 14.95 9.73
CA THR B 346 -7.54 15.41 9.97
C THR B 346 -6.79 15.62 8.64
N ARG B 347 -7.42 15.33 7.48
CA ARG B 347 -6.87 15.70 6.16
C ARG B 347 -7.01 17.20 5.91
N ILE B 348 -7.85 17.91 6.68
CA ILE B 348 -8.02 19.38 6.51
C ILE B 348 -6.70 20.08 6.88
N PRO B 349 -6.05 20.77 5.91
CA PRO B 349 -4.73 21.36 6.17
C PRO B 349 -4.68 22.31 7.40
N LYS B 350 -5.74 23.10 7.61
CA LYS B 350 -5.81 24.09 8.69
C LYS B 350 -5.69 23.37 10.04
N ILE B 351 -6.36 22.21 10.17
CA ILE B 351 -6.33 21.41 11.42
C ILE B 351 -4.91 20.91 11.64
N GLN B 352 -4.24 20.44 10.58
CA GLN B 352 -2.86 19.91 10.68
C GLN B 352 -1.93 21.04 11.14
N GLN B 353 -2.09 22.25 10.58
CA GLN B 353 -1.27 23.44 10.90
C GLN B 353 -1.51 23.88 12.35
N LEU B 354 -2.77 24.01 12.79
CA LEU B 354 -3.13 24.39 14.19
C LEU B 354 -2.45 23.45 15.19
N ILE B 355 -2.44 22.14 14.92
CA ILE B 355 -1.88 21.11 15.85
C ILE B 355 -0.36 21.24 15.89
N LYS B 356 0.27 21.37 14.72
CA LYS B 356 1.74 21.49 14.56
C LYS B 356 2.23 22.74 15.32
N ASP B 357 1.52 23.87 15.16
CA ASP B 357 1.81 25.16 15.85
C ASP B 357 1.68 24.97 17.36
N PHE B 358 0.60 24.35 17.82
CA PHE B 358 0.38 24.08 19.26
C PHE B 358 1.58 23.31 19.83
N PHE B 359 2.09 22.32 19.10
CA PHE B 359 3.23 21.48 19.56
C PHE B 359 4.57 22.09 19.09
N ASN B 360 4.59 23.40 18.81
CA ASN B 360 5.84 24.19 18.56
C ASN B 360 6.59 23.63 17.34
N GLY B 361 5.86 23.24 16.29
CA GLY B 361 6.43 22.80 15.00
C GLY B 361 6.72 21.31 14.90
N LYS B 362 6.41 20.50 15.93
CA LYS B 362 6.63 19.02 15.87
C LYS B 362 5.74 18.41 14.76
N GLU B 363 6.33 17.62 13.86
CA GLU B 363 5.62 16.95 12.73
C GLU B 363 4.72 15.85 13.30
N PRO B 364 3.40 15.88 13.04
CA PRO B 364 2.54 14.77 13.47
C PRO B 364 2.81 13.49 12.66
N CSX B 365 2.55 12.33 13.26
CA CSX B 365 2.48 11.03 12.55
CB CSX B 365 2.60 9.89 13.55
SG CSX B 365 4.32 9.75 14.00
C CSX B 365 1.19 10.96 11.72
O CSX B 365 0.07 10.94 12.32
OD CSX B 365 4.36 8.54 14.85
N LYS B 366 1.31 11.00 10.38
CA LYS B 366 0.13 11.05 9.49
C LYS B 366 0.35 10.27 8.20
N ALA B 367 1.39 9.44 8.11
CA ALA B 367 1.71 8.69 6.88
C ALA B 367 0.59 7.70 6.55
N ILE B 368 -0.08 7.12 7.55
CA ILE B 368 -1.24 6.19 7.33
C ILE B 368 -2.49 7.03 7.04
N ASN B 369 -3.17 6.79 5.93
CA ASN B 369 -4.50 7.38 5.65
C ASN B 369 -5.27 7.46 6.97
N PRO B 370 -5.61 8.67 7.48
CA PRO B 370 -6.06 8.80 8.87
C PRO B 370 -7.41 8.10 9.15
N ASP B 371 -8.25 7.93 8.13
CA ASP B 371 -9.55 7.21 8.26
C ASP B 371 -9.34 5.69 8.16
N GLU B 372 -8.10 5.21 8.00
CA GLU B 372 -7.77 3.77 7.95
C GLU B 372 -6.87 3.33 9.11
N ALA B 373 -6.31 4.26 9.89
CA ALA B 373 -5.28 3.96 10.91
C ALA B 373 -5.85 3.03 11.99
N VAL B 374 -7.09 3.24 12.39
CA VAL B 374 -7.69 2.39 13.46
C VAL B 374 -7.84 0.96 12.93
N ALA B 375 -8.41 0.78 11.74
CA ALA B 375 -8.56 -0.56 11.14
C ALA B 375 -7.18 -1.20 10.99
N TYR B 376 -6.20 -0.39 10.61
CA TYR B 376 -4.79 -0.83 10.37
C TYR B 376 -4.28 -1.47 11.66
N GLY B 377 -4.37 -0.74 12.78
CA GLY B 377 -3.97 -1.22 14.11
C GLY B 377 -4.75 -2.45 14.53
N ALA B 378 -6.07 -2.44 14.35
CA ALA B 378 -6.91 -3.61 14.66
C ALA B 378 -6.42 -4.84 13.89
N ALA B 379 -6.09 -4.65 12.63
CA ALA B 379 -5.63 -5.75 11.74
C ALA B 379 -4.29 -6.32 12.24
N VAL B 380 -3.38 -5.44 12.69
CA VAL B 380 -2.07 -5.86 13.30
C VAL B 380 -2.37 -6.70 14.55
N GLN B 381 -3.25 -6.21 15.41
CA GLN B 381 -3.55 -6.92 16.69
C GLN B 381 -4.23 -8.25 16.36
N ALA B 382 -5.11 -8.30 15.36
CA ALA B 382 -5.81 -9.54 14.98
C ALA B 382 -4.79 -10.60 14.53
N ALA B 383 -3.76 -10.19 13.78
CA ALA B 383 -2.70 -11.12 13.29
C ALA B 383 -1.88 -11.63 14.48
N ILE B 384 -1.44 -10.75 15.39
CA ILE B 384 -0.72 -11.12 16.64
C ILE B 384 -1.54 -12.16 17.42
N LEU B 385 -2.83 -11.89 17.68
CA LEU B 385 -3.72 -12.77 18.48
C LEU B 385 -4.07 -14.06 17.71
N SER B 386 -3.76 -14.14 16.41
CA SER B 386 -3.92 -15.39 15.62
C SER B 386 -2.62 -16.18 15.56
N GLY B 387 -1.56 -15.72 16.25
CA GLY B 387 -0.25 -16.40 16.33
C GLY B 387 0.68 -16.08 15.16
N ASP B 388 0.46 -14.97 14.45
CA ASP B 388 1.36 -14.45 13.36
C ASP B 388 2.31 -13.42 13.99
MG MG C . 12.85 -6.18 -8.81
PG ANP D . 14.89 -5.97 -11.43
O1G ANP D . 14.93 -4.47 -11.26
O2G ANP D . 14.96 -6.44 -12.86
O3G ANP D . 13.73 -6.64 -10.72
PB ANP D . 16.88 -7.89 -10.74
O1B ANP D . 17.34 -8.35 -9.38
O2B ANP D . 16.05 -8.85 -11.50
N3B ANP D . 16.26 -6.40 -10.64
PA ANP D . 19.77 -7.39 -11.27
O1A ANP D . 20.42 -8.71 -11.34
O2A ANP D . 19.94 -6.52 -10.10
O3A ANP D . 18.21 -7.65 -11.63
O5' ANP D . 20.20 -6.47 -12.51
C5' ANP D . 20.19 -7.02 -13.87
C4' ANP D . 20.73 -5.96 -14.82
O4' ANP D . 22.10 -5.63 -14.45
C3' ANP D . 20.74 -6.30 -16.31
O3' ANP D . 20.09 -5.22 -16.97
C2' ANP D . 22.23 -6.41 -16.62
O2' ANP D . 22.56 -6.04 -17.95
C1' ANP D . 22.81 -5.39 -15.62
N9 ANP D . 24.24 -5.51 -15.37
C8 ANP D . 24.94 -6.58 -14.84
N7 ANP D . 26.24 -6.37 -14.78
C5 ANP D . 26.39 -5.08 -15.30
C6 ANP D . 27.54 -4.31 -15.53
N6 ANP D . 28.78 -4.74 -15.26
N1 ANP D . 27.36 -3.11 -16.11
C2 ANP D . 26.10 -2.70 -16.40
N3 ANP D . 24.95 -3.35 -16.22
C4 ANP D . 25.17 -4.56 -15.68
C1 GOL E . 32.02 8.26 -16.50
O1 GOL E . 33.11 7.51 -17.05
C2 GOL E . 32.34 8.78 -15.11
O2 GOL E . 31.38 9.77 -14.73
C3 GOL E . 32.38 7.70 -14.07
O3 GOL E . 33.69 7.48 -13.54
C1 GOL F . 22.23 -27.89 -10.44
O1 GOL F . 23.17 -27.01 -9.83
C2 GOL F . 20.85 -27.27 -10.50
O2 GOL F . 20.97 -25.90 -10.89
C3 GOL F . 19.93 -28.03 -11.42
O3 GOL F . 18.69 -27.34 -11.57
C1 GOL G . 17.16 -8.64 -19.93
O1 GOL G . 16.77 -9.90 -19.40
C2 GOL G . 18.18 -7.92 -19.06
O2 GOL G . 19.48 -8.52 -19.15
C3 GOL G . 18.24 -6.44 -19.39
O3 GOL G . 19.58 -5.95 -19.49
C1 GOL H . 7.90 2.32 -6.19
O1 GOL H . 7.24 2.86 -5.04
C2 GOL H . 7.10 2.41 -7.47
O2 GOL H . 7.98 2.20 -8.58
C3 GOL H . 5.97 1.41 -7.59
O3 GOL H . 4.72 1.96 -7.15
C1 GOL I . 25.88 -13.41 -13.32
O1 GOL I . 26.21 -12.50 -12.27
C2 GOL I . 25.78 -12.71 -14.67
O2 GOL I . 26.79 -11.71 -14.84
C3 GOL I . 25.86 -13.67 -15.84
O3 GOL I . 24.72 -13.55 -16.68
MG MG J . -15.87 7.12 16.40
PG ANP K . -16.39 9.12 13.82
O1G ANP K . -15.81 10.32 14.54
O2G ANP K . -17.50 9.61 12.95
O3G ANP K . -16.83 7.99 14.79
PB ANP K . -15.41 7.53 11.59
O1B ANP K . -14.32 6.48 11.80
O2B ANP K . -16.81 7.06 11.41
N3B ANP K . -15.21 8.55 12.83
PA ANP K . -13.83 8.76 9.41
O1A ANP K . -13.92 7.88 8.23
O2A ANP K . -12.64 8.77 10.29
O3A ANP K . -15.12 8.52 10.36
O5' ANP K . -14.02 10.27 8.90
C5' ANP K . -15.21 10.62 8.22
C4' ANP K . -15.14 12.08 7.89
O4' ANP K . -13.93 12.34 7.14
C3' ANP K . -16.30 12.63 7.04
O3' ANP K . -16.90 13.79 7.60
C2' ANP K . -15.63 12.98 5.71
O2' ANP K . -16.34 14.00 5.04
C1' ANP K . -14.23 13.35 6.21
N9 ANP K . -13.22 13.36 5.16
C8 ANP K . -12.81 12.31 4.39
N7 ANP K . -11.91 12.66 3.49
C5 ANP K . -11.74 14.02 3.69
C6 ANP K . -10.92 14.98 3.07
N6 ANP K . -10.12 14.71 2.05
N1 ANP K . -10.99 16.25 3.53
C2 ANP K . -11.82 16.51 4.55
N3 ANP K . -12.64 15.69 5.22
C4 ANP K . -12.54 14.45 4.73
C1 GOL L . -5.29 -14.82 -0.96
O1 GOL L . -6.10 -15.08 0.19
C2 GOL L . -5.44 -13.39 -1.44
O2 GOL L . -4.25 -12.97 -2.08
C3 GOL L . -6.56 -13.19 -2.43
O3 GOL L . -6.15 -12.21 -3.39
C1 GOL M . -20.28 13.73 7.40
O1 GOL M . -19.27 14.42 6.63
C2 GOL M . -20.54 12.33 6.91
O2 GOL M . -20.05 12.14 5.58
C3 GOL M . -22.01 11.93 6.99
O3 GOL M . -22.21 10.52 6.93
C1 GOL N . -22.85 13.45 2.98
O1 GOL N . -23.12 13.17 1.61
C2 GOL N . -23.99 14.16 3.68
O2 GOL N . -23.62 14.35 5.05
C3 GOL N . -25.32 13.43 3.62
O3 GOL N . -26.42 14.32 3.39
#